data_5U57
#
_entry.id   5U57
#
_cell.length_a   54.903
_cell.length_b   111.471
_cell.length_c   128.762
_cell.angle_alpha   90.00
_cell.angle_beta   90.00
_cell.angle_gamma   90.00
#
_symmetry.space_group_name_H-M   'P 21 21 21'
#
loop_
_entity.id
_entity.type
_entity.pdbx_description
1 polymer '(S)-2-hydroxypropylphosphonic acid epoxidase'
2 non-polymer 'FE (III) ION'
3 non-polymer '(S)-2-HYDROXYPROPYLPHOSPHONIC ACID'
4 water water
#
_entity_poly.entity_id   1
_entity_poly.type   'polypeptide(L)'
_entity_poly.pdbx_seq_one_letter_code
;MDVRTLAVGKAHLEALLATRKMTLEHLQDVRHDATQVYFDGLEHLQNVAQYLAIPLSEFFVGQTQSDLDDGVKIARRNGG
FKREEIRGGVHYYTYEHLVTTNQDPGLMALRLDLHSDDEQPLRLNGGHGSREIVYVTRGAVRVRWVGDNDELKEDVLNEG
DSIFILPNVPHSFTNHVGGAKSEIIAINYG
;
_entity_poly.pdbx_strand_id   A,B,C,D
#
loop_
_chem_comp.id
_chem_comp.type
_chem_comp.name
_chem_comp.formula
FE non-polymer 'FE (III) ION' 'Fe 3'
S0H non-polymer '(S)-2-HYDROXYPROPYLPHOSPHONIC ACID' 'C3 H9 O4 P'
#
# COMPACT_ATOMS: atom_id res chain seq x y z
N MET A 1 -27.91 -0.55 28.80
CA MET A 1 -27.82 0.59 27.85
C MET A 1 -28.21 0.18 26.43
N ASP A 2 -28.12 1.15 25.52
CA ASP A 2 -28.59 1.03 24.14
C ASP A 2 -27.62 0.29 23.23
N VAL A 3 -27.76 -1.02 23.19
CA VAL A 3 -26.81 -1.86 22.47
C VAL A 3 -26.97 -1.73 20.96
N ARG A 4 -28.17 -1.36 20.52
CA ARG A 4 -28.46 -1.21 19.09
C ARG A 4 -27.73 -0.07 18.45
N THR A 5 -27.74 1.05 19.17
CA THR A 5 -27.11 2.33 18.79
C THR A 5 -25.70 2.22 18.23
N LEU A 6 -25.43 2.95 17.16
CA LEU A 6 -24.09 2.98 16.56
C LEU A 6 -23.48 4.36 16.57
N ALA A 7 -22.24 4.46 17.00
CA ALA A 7 -21.53 5.73 17.16
C ALA A 7 -20.50 5.83 16.07
N VAL A 8 -20.39 7.02 15.49
CA VAL A 8 -19.40 7.28 14.47
C VAL A 8 -18.77 8.63 14.77
N GLY A 9 -17.45 8.69 14.74
CA GLY A 9 -16.76 9.94 15.04
C GLY A 9 -17.26 11.04 14.14
N LYS A 10 -17.61 12.18 14.74
CA LYS A 10 -18.17 13.28 14.00
C LYS A 10 -17.16 13.86 13.00
N ALA A 11 -15.97 14.18 13.48
CA ALA A 11 -14.96 14.81 12.63
C ALA A 11 -14.73 14.00 11.38
N HIS A 12 -14.66 12.68 11.56
CA HIS A 12 -14.45 11.75 10.47
C HIS A 12 -15.64 11.74 9.55
N LEU A 13 -16.85 11.68 10.11
CA LEU A 13 -18.03 11.65 9.29
C LEU A 13 -18.12 12.91 8.48
N GLU A 14 -17.93 14.05 9.13
CA GLU A 14 -17.94 15.33 8.45
C GLU A 14 -16.95 15.33 7.28
N ALA A 15 -15.77 14.79 7.52
CA ALA A 15 -14.74 14.80 6.51
C ALA A 15 -15.18 13.95 5.34
N LEU A 16 -15.74 12.77 5.62
CA LEU A 16 -16.30 11.92 4.58
C LEU A 16 -17.37 12.65 3.82
N LEU A 17 -18.25 13.34 4.53
CA LEU A 17 -19.32 14.08 3.88
C LEU A 17 -18.76 15.13 2.91
N ALA A 18 -17.77 15.90 3.35
CA ALA A 18 -17.14 16.91 2.49
C ALA A 18 -16.43 16.34 1.26
N THR A 19 -15.96 15.11 1.33
CA THR A 19 -15.47 14.45 0.13
C THR A 19 -16.59 14.33 -0.92
N ARG A 20 -17.84 14.12 -0.47
CA ARG A 20 -19.01 14.04 -1.36
C ARG A 20 -19.69 15.42 -1.50
N LYS A 21 -19.02 16.48 -1.03
CA LYS A 21 -19.55 17.85 -0.99
C LYS A 21 -20.86 17.97 -0.23
N MET A 22 -20.90 17.42 0.97
CA MET A 22 -22.09 17.46 1.83
C MET A 22 -21.72 17.89 3.25
N THR A 23 -22.74 17.98 4.09
CA THR A 23 -22.60 18.32 5.50
C THR A 23 -23.64 17.52 6.27
N LEU A 24 -23.53 17.51 7.61
CA LEU A 24 -24.44 16.72 8.46
C LEU A 24 -25.90 16.95 8.15
N GLU A 25 -26.25 18.20 7.85
CA GLU A 25 -27.64 18.58 7.58
C GLU A 25 -28.26 17.70 6.49
N HIS A 26 -27.45 17.23 5.53
CA HIS A 26 -27.93 16.36 4.44
C HIS A 26 -28.26 14.93 4.89
N LEU A 27 -28.00 14.64 6.17
CA LEU A 27 -28.51 13.44 6.85
C LEU A 27 -29.47 13.99 7.87
N GLN A 28 -30.75 13.99 7.56
CA GLN A 28 -31.69 14.80 8.34
C GLN A 28 -31.96 14.15 9.72
N ASP A 29 -31.87 12.81 9.72
CA ASP A 29 -32.46 11.98 10.77
C ASP A 29 -31.38 11.38 11.67
N VAL A 30 -30.48 12.22 12.16
CA VAL A 30 -29.41 11.74 13.02
C VAL A 30 -29.15 12.67 14.19
N ARG A 31 -28.93 12.08 15.36
CA ARG A 31 -28.51 12.86 16.50
C ARG A 31 -27.04 12.90 16.47
N HIS A 32 -26.50 14.02 16.87
CA HIS A 32 -25.08 14.11 17.04
C HIS A 32 -24.80 14.77 18.37
N ASP A 33 -23.55 14.67 18.80
CA ASP A 33 -23.03 15.43 19.92
C ASP A 33 -21.98 16.30 19.42
N ALA A 34 -21.15 16.71 20.38
CA ALA A 34 -19.92 17.34 20.05
C ALA A 34 -18.91 16.41 19.34
N THR A 35 -18.81 15.14 19.75
CA THR A 35 -17.81 14.20 19.17
C THR A 35 -18.38 13.06 18.33
N GLN A 36 -19.65 12.78 18.53
CA GLN A 36 -20.23 11.54 18.02
C GLN A 36 -21.48 11.83 17.21
N VAL A 37 -21.71 10.97 16.23
CA VAL A 37 -22.95 10.91 15.49
C VAL A 37 -23.52 9.54 15.77
N TYR A 38 -24.84 9.47 15.95
CA TYR A 38 -25.47 8.23 16.38
C TYR A 38 -26.48 7.72 15.42
N PHE A 39 -26.52 6.41 15.26
CA PHE A 39 -27.46 5.79 14.36
C PHE A 39 -28.28 4.76 15.11
N ASP A 40 -29.48 4.52 14.60
CA ASP A 40 -30.44 3.68 15.29
C ASP A 40 -30.13 2.17 15.28
N GLY A 41 -29.19 1.77 14.45
CA GLY A 41 -28.71 0.41 14.46
C GLY A 41 -28.08 0.33 13.13
N LEU A 42 -27.71 -0.88 12.77
CA LEU A 42 -26.91 -1.14 11.59
C LEU A 42 -27.63 -0.76 10.33
N GLU A 43 -28.90 -1.09 10.25
CA GLU A 43 -29.64 -0.88 9.03
C GLU A 43 -29.68 0.59 8.66
N HIS A 44 -29.73 1.46 9.68
CA HIS A 44 -29.70 2.89 9.45
C HIS A 44 -28.36 3.27 8.84
N LEU A 45 -27.28 2.78 9.42
CA LEU A 45 -25.96 3.05 8.90
C LEU A 45 -25.81 2.56 7.47
N GLN A 46 -26.27 1.35 7.18
CA GLN A 46 -26.15 0.83 5.82
C GLN A 46 -26.80 1.72 4.80
N ASN A 47 -27.98 2.26 5.13
CA ASN A 47 -28.69 3.15 4.21
C ASN A 47 -27.86 4.37 3.91
N VAL A 48 -27.22 4.90 4.94
CA VAL A 48 -26.39 6.07 4.78
C VAL A 48 -25.15 5.76 3.95
N ALA A 49 -24.57 4.60 4.19
CA ALA A 49 -23.46 4.15 3.37
C ALA A 49 -23.87 4.08 1.90
N GLN A 50 -25.08 3.60 1.63
CA GLN A 50 -25.60 3.57 0.27
C GLN A 50 -25.71 4.94 -0.33
N TYR A 51 -26.24 5.85 0.46
CA TYR A 51 -26.52 7.19 0.02
C TYR A 51 -25.25 7.91 -0.32
N LEU A 52 -24.23 7.71 0.51
CA LEU A 52 -22.92 8.28 0.24
C LEU A 52 -22.04 7.43 -0.67
N ALA A 53 -22.47 6.21 -0.99
CA ALA A 53 -21.76 5.32 -1.90
C ALA A 53 -20.38 4.99 -1.35
N ILE A 54 -20.37 4.50 -0.12
CA ILE A 54 -19.11 4.18 0.57
C ILE A 54 -19.31 2.91 1.37
N PRO A 55 -18.31 2.00 1.39
CA PRO A 55 -18.53 0.79 2.18
C PRO A 55 -18.67 1.13 3.65
N LEU A 56 -19.48 0.35 4.31
CA LEU A 56 -19.69 0.43 5.73
C LEU A 56 -18.34 0.55 6.54
N SER A 57 -17.34 -0.20 6.09
CA SER A 57 -16.02 -0.12 6.71
C SER A 57 -15.49 1.34 6.80
N GLU A 58 -15.70 2.15 5.77
CA GLU A 58 -15.14 3.49 5.75
C GLU A 58 -15.44 4.33 6.98
N PHE A 59 -16.60 4.09 7.59
CA PHE A 59 -17.03 4.91 8.74
C PHE A 59 -16.14 4.73 9.98
N PHE A 60 -15.29 3.72 9.97
CA PHE A 60 -14.40 3.45 11.11
C PHE A 60 -12.91 3.48 10.79
N VAL A 61 -12.55 3.62 9.53
CA VAL A 61 -11.15 3.63 9.19
C VAL A 61 -10.48 4.78 9.94
N GLY A 62 -9.41 4.49 10.65
CA GLY A 62 -8.68 5.50 11.42
C GLY A 62 -9.20 5.71 12.83
N GLN A 63 -10.41 5.25 13.11
CA GLN A 63 -11.08 5.62 14.35
C GLN A 63 -10.65 4.80 15.55
N THR A 64 -9.88 3.74 15.36
CA THR A 64 -9.50 2.95 16.51
C THR A 64 -8.40 3.67 17.29
N GLN A 65 -8.47 3.61 18.62
CA GLN A 65 -7.52 4.28 19.49
C GLN A 65 -6.27 3.43 19.75
N SER A 66 -5.11 4.05 19.60
CA SER A 66 -3.84 3.36 19.72
C SER A 66 -3.69 2.63 21.05
N ASP A 67 -3.18 1.41 20.98
CA ASP A 67 -2.85 0.63 22.18
C ASP A 67 -1.44 0.90 22.67
N LEU A 68 -0.73 1.83 22.04
CA LEU A 68 0.64 2.18 22.47
C LEU A 68 0.62 3.13 23.66
N ASP A 69 1.75 3.22 24.34
CA ASP A 69 1.99 4.19 25.40
C ASP A 69 3.30 4.82 25.13
N ASP A 70 3.27 6.08 24.72
CA ASP A 70 4.49 6.83 24.39
C ASP A 70 5.25 6.22 23.18
N GLY A 71 4.53 5.76 22.17
CA GLY A 71 5.15 5.30 20.91
C GLY A 71 5.64 3.87 20.92
N VAL A 72 5.25 3.13 21.95
CA VAL A 72 5.81 1.84 22.25
C VAL A 72 4.79 0.94 22.92
N LYS A 73 4.93 -0.38 22.74
CA LYS A 73 4.14 -1.34 23.50
C LYS A 73 4.97 -2.54 23.91
N ILE A 74 4.70 -3.05 25.10
CA ILE A 74 5.52 -4.07 25.73
C ILE A 74 4.70 -5.27 26.11
N ALA A 75 5.23 -6.45 25.85
CA ALA A 75 4.58 -7.70 26.24
C ALA A 75 5.55 -8.50 27.07
N ARG A 76 5.01 -9.46 27.82
CA ARG A 76 5.79 -10.27 28.76
C ARG A 76 5.69 -11.73 28.41
N ARG A 77 6.73 -12.51 28.76
CA ARG A 77 6.64 -13.95 28.55
C ARG A 77 5.41 -14.50 29.29
N ASN A 78 4.60 -15.26 28.54
CA ASN A 78 3.30 -15.82 29.00
C ASN A 78 2.17 -14.83 29.26
N GLY A 79 2.40 -13.56 28.97
CA GLY A 79 1.46 -12.52 29.33
C GLY A 79 0.26 -12.48 28.42
N GLY A 80 0.39 -13.04 27.21
CA GLY A 80 -0.67 -12.95 26.22
C GLY A 80 -1.29 -14.26 25.82
N PHE A 81 -1.82 -14.30 24.60
CA PHE A 81 -2.44 -15.50 24.08
C PHE A 81 -1.42 -16.60 23.86
N LYS A 82 -1.86 -17.83 23.99
CA LYS A 82 -1.00 -18.99 23.98
C LYS A 82 -1.87 -20.19 23.67
N ARG A 83 -1.35 -21.17 22.96
CA ARG A 83 -2.22 -22.22 22.44
C ARG A 83 -1.42 -23.37 21.85
N GLU A 84 -2.00 -24.56 21.88
CA GLU A 84 -1.40 -25.74 21.22
C GLU A 84 -1.96 -25.89 19.83
N GLU A 85 -1.17 -26.47 18.93
CA GLU A 85 -1.60 -26.67 17.55
C GLU A 85 -1.43 -28.14 17.21
N ILE A 86 -2.51 -28.75 16.74
CA ILE A 86 -2.54 -30.18 16.41
C ILE A 86 -3.07 -30.32 15.00
N ARG A 87 -2.21 -30.81 14.10
CA ARG A 87 -2.55 -30.86 12.68
C ARG A 87 -3.21 -32.12 12.21
N GLY A 88 -2.63 -33.28 12.32
CA GLY A 88 -3.54 -34.36 11.95
C GLY A 88 -3.62 -35.31 13.05
N GLY A 89 -3.99 -34.80 14.22
CA GLY A 89 -3.77 -35.56 15.43
C GLY A 89 -2.27 -35.71 15.69
N VAL A 90 -1.44 -34.87 15.08
CA VAL A 90 -0.02 -34.79 15.41
C VAL A 90 0.21 -33.45 16.11
N HIS A 91 0.67 -33.51 17.34
CA HIS A 91 0.98 -32.30 18.08
C HIS A 91 2.18 -31.67 17.40
N TYR A 92 2.00 -30.45 16.88
CA TYR A 92 3.01 -29.83 15.98
C TYR A 92 3.78 -28.67 16.60
N TYR A 93 3.05 -27.74 17.21
CA TYR A 93 3.57 -26.51 17.77
C TYR A 93 2.87 -26.12 19.06
N THR A 94 3.53 -25.29 19.83
CA THR A 94 2.89 -24.44 20.84
C THR A 94 3.10 -23.01 20.41
N TYR A 95 2.03 -22.32 20.01
CA TYR A 95 2.12 -20.89 19.63
C TYR A 95 2.02 -20.00 20.85
N GLU A 96 2.92 -19.04 21.00
CA GLU A 96 2.77 -17.98 21.98
C GLU A 96 2.88 -16.65 21.29
N HIS A 97 1.90 -15.78 21.49
CA HIS A 97 1.97 -14.40 21.01
C HIS A 97 3.11 -13.65 21.66
N LEU A 98 3.86 -12.91 20.87
CA LEU A 98 4.69 -11.86 21.44
C LEU A 98 3.87 -10.58 21.39
N VAL A 99 4.51 -9.45 21.62
CA VAL A 99 3.77 -8.20 21.55
C VAL A 99 2.93 -8.14 20.27
N THR A 100 1.67 -7.71 20.41
CA THR A 100 0.80 -7.46 19.27
C THR A 100 0.23 -6.07 19.42
N THR A 101 -0.03 -5.39 18.31
CA THR A 101 -0.58 -4.02 18.37
C THR A 101 -1.50 -3.68 17.21
N ASN A 102 -2.56 -2.94 17.55
CA ASN A 102 -3.49 -2.41 16.55
C ASN A 102 -2.90 -1.35 15.64
N GLN A 103 -1.67 -0.93 15.91
CA GLN A 103 -0.99 -0.03 15.02
C GLN A 103 -0.31 -0.74 13.85
N ASP A 104 -0.29 -2.07 13.88
CA ASP A 104 0.09 -2.88 12.74
C ASP A 104 -0.54 -4.26 12.88
N PRO A 105 -1.82 -4.36 12.55
CA PRO A 105 -2.48 -5.66 12.61
C PRO A 105 -1.84 -6.71 11.72
N GLY A 106 -1.10 -6.29 10.69
CA GLY A 106 -0.46 -7.22 9.74
C GLY A 106 0.76 -7.91 10.31
N LEU A 107 1.13 -7.55 11.54
CA LEU A 107 2.33 -8.06 12.22
C LEU A 107 1.95 -9.11 13.23
N MET A 108 2.45 -10.32 13.02
CA MET A 108 2.20 -11.39 13.97
C MET A 108 3.51 -12.02 14.42
N ALA A 109 3.94 -11.65 15.62
CA ALA A 109 5.20 -12.13 16.18
C ALA A 109 4.95 -13.25 17.18
N LEU A 110 5.61 -14.37 16.93
CA LEU A 110 5.39 -15.57 17.69
C LEU A 110 6.65 -16.19 18.26
N ARG A 111 6.48 -16.94 19.35
CA ARG A 111 7.47 -17.84 19.88
C ARG A 111 6.85 -19.23 19.80
N LEU A 112 7.63 -20.25 19.41
CA LEU A 112 7.09 -21.58 19.21
C LEU A 112 7.95 -22.63 19.83
N ASP A 113 7.30 -23.62 20.42
CA ASP A 113 7.97 -24.87 20.76
C ASP A 113 7.62 -25.84 19.66
N LEU A 114 8.56 -26.67 19.27
CA LEU A 114 8.26 -27.70 18.29
C LEU A 114 8.07 -29.03 18.97
N HIS A 115 7.03 -29.74 18.57
CA HIS A 115 6.74 -31.01 19.16
C HIS A 115 6.92 -32.21 18.19
N SER A 116 6.68 -31.99 16.91
CA SER A 116 6.83 -33.04 15.92
C SER A 116 8.26 -33.25 15.45
N ASP A 117 8.44 -34.28 14.64
CA ASP A 117 9.76 -34.68 14.15
C ASP A 117 9.55 -35.71 13.01
N ASP A 118 10.62 -36.35 12.54
CA ASP A 118 10.56 -37.19 11.33
C ASP A 118 9.82 -38.52 11.52
N GLU A 119 9.57 -38.90 12.76
CA GLU A 119 8.78 -40.10 13.06
C GLU A 119 7.29 -39.85 12.90
N GLN A 120 6.90 -38.57 12.96
CA GLN A 120 5.52 -38.18 12.74
C GLN A 120 5.33 -37.93 11.25
C GLN A 120 5.33 -37.93 11.25
N PRO A 121 4.09 -38.00 10.78
CA PRO A 121 3.86 -37.58 9.41
C PRO A 121 4.03 -36.08 9.25
N LEU A 122 4.28 -35.72 8.01
CA LEU A 122 4.52 -34.36 7.62
C LEU A 122 3.19 -33.63 7.58
N ARG A 123 3.16 -32.40 8.12
CA ARG A 123 1.92 -31.59 8.12
C ARG A 123 2.20 -30.17 7.70
N LEU A 124 2.38 -30.00 6.40
CA LEU A 124 2.62 -28.68 5.87
C LEU A 124 1.40 -27.82 6.10
N ASN A 125 1.61 -26.51 6.16
CA ASN A 125 0.51 -25.57 6.06
C ASN A 125 0.27 -25.27 4.58
N GLY A 126 -0.63 -24.34 4.27
CA GLY A 126 -0.91 -23.96 2.88
C GLY A 126 -0.22 -22.67 2.45
N GLY A 127 0.82 -22.26 3.18
CA GLY A 127 1.47 -20.95 2.97
C GLY A 127 0.53 -19.85 3.45
N HIS A 128 0.95 -18.60 3.42
CA HIS A 128 0.09 -17.49 3.84
C HIS A 128 0.56 -16.16 3.26
N GLY A 129 -0.33 -15.17 3.26
CA GLY A 129 -0.11 -13.87 2.61
C GLY A 129 1.08 -13.13 3.18
N SER A 130 1.35 -13.33 4.47
CA SER A 130 2.46 -12.66 5.13
C SER A 130 3.80 -13.19 4.68
N ARG A 131 4.77 -12.29 4.62
CA ARG A 131 6.17 -12.68 4.55
C ARG A 131 6.48 -13.19 5.93
N GLU A 132 7.53 -13.98 6.05
CA GLU A 132 7.87 -14.55 7.34
C GLU A 132 9.36 -14.69 7.47
N ILE A 133 9.87 -14.29 8.62
CA ILE A 133 11.23 -14.57 8.99
C ILE A 133 11.26 -15.33 10.31
N VAL A 134 12.10 -16.35 10.36
CA VAL A 134 12.22 -17.22 11.50
C VAL A 134 13.67 -17.29 11.96
N TYR A 135 13.86 -17.25 13.27
CA TYR A 135 15.19 -17.33 13.91
C TYR A 135 15.16 -18.48 14.92
N VAL A 136 16.21 -19.28 14.96
CA VAL A 136 16.24 -20.42 15.89
C VAL A 136 16.92 -20.00 17.16
N THR A 137 16.18 -20.00 18.26
CA THR A 137 16.74 -19.66 19.56
C THR A 137 17.34 -20.86 20.26
N ARG A 138 16.82 -22.06 19.99
CA ARG A 138 17.31 -23.23 20.69
C ARG A 138 17.13 -24.52 19.91
N GLY A 139 18.20 -25.30 19.85
CA GLY A 139 18.12 -26.64 19.31
C GLY A 139 18.38 -26.68 17.82
N ALA A 140 17.88 -27.73 17.19
CA ALA A 140 18.15 -27.99 15.79
C ALA A 140 16.83 -28.29 15.07
N VAL A 141 16.58 -27.53 14.00
CA VAL A 141 15.29 -27.49 13.42
C VAL A 141 15.32 -28.01 12.01
N ARG A 142 14.38 -28.90 11.75
CA ARG A 142 14.14 -29.44 10.43
C ARG A 142 13.11 -28.55 9.78
N VAL A 143 13.45 -27.99 8.63
CA VAL A 143 12.52 -27.18 7.89
C VAL A 143 12.27 -27.80 6.52
N ARG A 144 11.00 -27.98 6.18
CA ARG A 144 10.62 -28.53 4.88
C ARG A 144 9.67 -27.55 4.22
N TRP A 145 9.73 -27.47 2.89
CA TRP A 145 8.89 -26.54 2.16
C TRP A 145 8.76 -26.93 0.69
N VAL A 146 7.70 -26.44 0.06
CA VAL A 146 7.44 -26.71 -1.34
C VAL A 146 8.07 -25.65 -2.22
N GLY A 147 9.09 -26.06 -2.98
CA GLY A 147 9.82 -25.17 -3.84
C GLY A 147 9.23 -25.02 -5.23
N ASP A 148 10.13 -24.87 -6.20
CA ASP A 148 9.75 -24.65 -7.59
C ASP A 148 9.25 -25.96 -8.16
N ASN A 149 8.29 -25.88 -9.08
CA ASN A 149 7.70 -27.08 -9.69
C ASN A 149 7.12 -28.04 -8.66
N ASP A 150 6.66 -27.49 -7.54
CA ASP A 150 6.03 -28.25 -6.46
C ASP A 150 6.90 -29.36 -5.87
N GLU A 151 8.21 -29.22 -5.95
CA GLU A 151 9.12 -30.19 -5.38
C GLU A 151 9.39 -29.89 -3.92
N LEU A 152 9.31 -30.92 -3.10
CA LEU A 152 9.58 -30.79 -1.69
C LEU A 152 11.09 -30.63 -1.42
N LYS A 153 11.43 -29.65 -0.59
CA LYS A 153 12.81 -29.37 -0.24
C LYS A 153 12.92 -29.42 1.26
N GLU A 154 14.15 -29.56 1.73
CA GLU A 154 14.42 -29.60 3.16
C GLU A 154 15.83 -29.14 3.51
N ASP A 155 16.01 -28.70 4.75
CA ASP A 155 17.30 -28.30 5.29
C ASP A 155 17.22 -28.31 6.81
N VAL A 156 18.34 -28.05 7.47
CA VAL A 156 18.39 -28.03 8.91
C VAL A 156 18.95 -26.68 9.41
N LEU A 157 18.26 -26.11 10.39
CA LEU A 157 18.66 -24.85 10.96
C LEU A 157 19.09 -25.06 12.40
N ASN A 158 20.22 -24.46 12.76
CA ASN A 158 20.76 -24.59 14.09
C ASN A 158 20.63 -23.29 14.84
N GLU A 159 20.76 -23.38 16.15
CA GLU A 159 20.68 -22.22 17.01
C GLU A 159 21.40 -21.03 16.36
N GLY A 160 20.67 -19.96 16.11
CA GLY A 160 21.26 -18.74 15.53
C GLY A 160 21.11 -18.58 14.02
N ASP A 161 20.68 -19.63 13.34
CA ASP A 161 20.44 -19.59 11.92
C ASP A 161 19.10 -18.93 11.69
N SER A 162 18.81 -18.52 10.46
CA SER A 162 17.55 -17.88 10.15
C SER A 162 17.07 -18.19 8.75
N ILE A 163 15.80 -17.90 8.48
CA ILE A 163 15.21 -18.15 7.17
C ILE A 163 14.11 -17.18 6.81
N PHE A 164 14.07 -16.76 5.56
CA PHE A 164 13.00 -15.90 5.05
C PHE A 164 12.11 -16.73 4.17
N ILE A 165 10.81 -16.48 4.25
CA ILE A 165 9.87 -17.24 3.45
C ILE A 165 8.90 -16.35 2.70
N LEU A 166 8.94 -16.47 1.37
CA LEU A 166 8.07 -15.73 0.49
C LEU A 166 6.61 -16.07 0.78
N PRO A 167 5.69 -15.11 0.57
CA PRO A 167 4.26 -15.40 0.74
C PRO A 167 3.81 -16.65 0.04
N ASN A 168 2.88 -17.35 0.69
CA ASN A 168 2.21 -18.53 0.14
C ASN A 168 3.12 -19.68 -0.19
N VAL A 169 4.33 -19.66 0.36
CA VAL A 169 5.17 -20.82 0.25
C VAL A 169 4.81 -21.72 1.42
N PRO A 170 4.39 -22.96 1.12
CA PRO A 170 3.97 -23.87 2.18
C PRO A 170 5.17 -24.36 2.93
N HIS A 171 5.05 -24.53 4.24
CA HIS A 171 6.22 -24.90 5.06
C HIS A 171 5.90 -25.52 6.39
N SER A 172 6.93 -26.13 6.97
CA SER A 172 6.83 -26.91 8.19
C SER A 172 8.15 -26.88 8.93
N PHE A 173 8.09 -26.66 10.22
CA PHE A 173 9.27 -26.76 11.07
C PHE A 173 9.04 -27.88 12.05
N THR A 174 10.03 -28.75 12.17
CA THR A 174 9.96 -29.85 13.10
C THR A 174 11.32 -30.02 13.75
N ASN A 175 11.36 -30.80 14.82
CA ASN A 175 12.66 -31.14 15.43
C ASN A 175 13.46 -32.05 14.54
N HIS A 176 14.74 -31.75 14.45
CA HIS A 176 15.67 -32.56 13.69
C HIS A 176 15.97 -33.83 14.41
N VAL A 177 16.17 -33.72 15.72
CA VAL A 177 16.63 -34.85 16.50
C VAL A 177 15.49 -35.80 16.83
N GLY A 178 14.39 -35.30 17.38
CA GLY A 178 13.33 -36.23 17.76
C GLY A 178 13.44 -36.45 19.23
N GLY A 179 12.54 -35.84 19.98
CA GLY A 179 12.63 -35.85 21.42
C GLY A 179 13.28 -34.59 21.92
N ALA A 180 14.40 -34.20 21.34
CA ALA A 180 15.01 -32.91 21.67
C ALA A 180 14.11 -31.81 21.14
N LYS A 181 13.52 -31.01 22.03
CA LYS A 181 12.52 -30.04 21.62
C LYS A 181 13.12 -28.64 21.45
N SER A 182 12.96 -28.12 20.23
CA SER A 182 13.51 -26.85 19.81
C SER A 182 12.53 -25.68 19.93
N GLU A 183 13.09 -24.48 19.83
CA GLU A 183 12.35 -23.23 19.95
C GLU A 183 12.78 -22.29 18.85
N ILE A 184 11.80 -21.58 18.30
CA ILE A 184 12.05 -20.60 17.25
C ILE A 184 11.23 -19.37 17.50
N ILE A 185 11.59 -18.29 16.82
CA ILE A 185 10.81 -17.05 16.81
C ILE A 185 10.34 -16.87 15.38
N ALA A 186 9.08 -16.50 15.17
CA ALA A 186 8.58 -16.29 13.82
C ALA A 186 7.90 -14.96 13.75
N ILE A 187 8.27 -14.18 12.74
CA ILE A 187 7.69 -12.87 12.54
C ILE A 187 7.00 -12.82 11.21
N ASN A 188 5.68 -12.74 11.23
CA ASN A 188 4.91 -12.61 10.01
C ASN A 188 4.60 -11.15 9.88
N TYR A 189 4.68 -10.61 8.66
CA TYR A 189 4.39 -9.21 8.46
C TYR A 189 4.06 -8.93 6.99
N GLY A 190 3.65 -7.68 6.73
CA GLY A 190 3.46 -7.18 5.38
C GLY A 190 2.57 -8.08 4.57
N THR B 5 30.41 6.06 -16.01
CA THR B 5 30.23 6.69 -14.66
C THR B 5 28.76 6.87 -14.27
N LEU B 6 28.41 6.31 -13.12
CA LEU B 6 27.06 6.41 -12.58
C LEU B 6 27.08 7.19 -11.30
N ALA B 7 26.13 8.10 -11.17
CA ALA B 7 26.03 8.93 -9.99
C ALA B 7 24.80 8.49 -9.19
N VAL B 8 24.95 8.48 -7.87
CA VAL B 8 23.85 8.17 -6.99
C VAL B 8 23.88 9.17 -5.86
N GLY B 9 22.73 9.73 -5.54
CA GLY B 9 22.65 10.71 -4.47
C GLY B 9 23.19 10.17 -3.18
N LYS B 10 24.10 10.93 -2.57
CA LYS B 10 24.80 10.46 -1.39
C LYS B 10 23.84 10.30 -0.24
N ALA B 11 23.05 11.32 0.03
CA ALA B 11 22.09 11.26 1.15
C ALA B 11 21.20 10.01 1.09
N HIS B 12 20.75 9.69 -0.13
CA HIS B 12 19.92 8.52 -0.39
C HIS B 12 20.70 7.25 -0.18
N LEU B 13 21.91 7.20 -0.71
CA LEU B 13 22.69 6.00 -0.54
C LEU B 13 23.00 5.76 0.93
N GLU B 14 23.43 6.81 1.63
CA GLU B 14 23.69 6.72 3.05
C GLU B 14 22.48 6.16 3.80
N ALA B 15 21.31 6.64 3.43
CA ALA B 15 20.09 6.23 4.11
C ALA B 15 19.82 4.75 3.88
N LEU B 16 19.99 4.30 2.64
CA LEU B 16 19.91 2.89 2.34
C LEU B 16 20.94 2.10 3.13
N LEU B 17 22.15 2.60 3.22
CA LEU B 17 23.18 1.91 3.97
C LEU B 17 22.81 1.74 5.44
N ALA B 18 22.32 2.79 6.05
CA ALA B 18 21.89 2.76 7.44
C ALA B 18 20.72 1.79 7.69
N THR B 19 19.89 1.52 6.68
CA THR B 19 18.88 0.49 6.84
C THR B 19 19.54 -0.88 7.07
N ARG B 20 20.72 -1.10 6.46
CA ARG B 20 21.51 -2.30 6.67
C ARG B 20 22.57 -2.15 7.76
N LYS B 21 22.46 -1.07 8.53
CA LYS B 21 23.43 -0.69 9.56
C LYS B 21 24.85 -0.58 9.04
N MET B 22 25.00 0.18 7.96
CA MET B 22 26.30 0.42 7.37
C MET B 22 26.51 1.91 7.09
N THR B 23 27.70 2.21 6.59
CA THR B 23 28.10 3.55 6.19
C THR B 23 28.96 3.42 4.94
N LEU B 24 29.24 4.53 4.28
CA LEU B 24 29.99 4.52 3.02
C LEU B 24 31.27 3.75 3.07
N GLU B 25 31.95 3.85 4.21
CA GLU B 25 33.24 3.21 4.42
C GLU B 25 33.17 1.70 4.13
N HIS B 26 32.02 1.09 4.35
CA HIS B 26 31.81 -0.33 4.10
C HIS B 26 31.66 -0.68 2.63
N LEU B 27 31.68 0.33 1.76
CA LEU B 27 31.77 0.07 0.33
C LEU B 27 33.17 0.10 -0.20
N GLN B 28 33.48 -1.07 -0.72
CA GLN B 28 34.70 -1.38 -1.39
C GLN B 28 34.69 -0.52 -2.66
N ASP B 29 35.74 0.29 -2.80
CA ASP B 29 36.08 1.04 -4.00
C ASP B 29 34.93 1.94 -4.51
N VAL B 30 34.59 3.00 -3.78
CA VAL B 30 33.73 4.02 -4.34
C VAL B 30 34.21 5.40 -4.03
N ARG B 31 34.19 6.24 -5.05
CA ARG B 31 34.52 7.63 -4.85
C ARG B 31 33.23 8.30 -4.49
N HIS B 32 33.32 9.30 -3.63
CA HIS B 32 32.18 10.16 -3.40
C HIS B 32 32.63 11.60 -3.43
N ASP B 33 31.67 12.52 -3.51
CA ASP B 33 31.95 13.95 -3.31
C ASP B 33 30.94 14.40 -2.23
N ALA B 34 30.65 15.70 -2.17
CA ALA B 34 29.71 16.19 -1.19
C ALA B 34 28.25 15.70 -1.43
N THR B 35 27.83 15.60 -2.69
CA THR B 35 26.43 15.24 -3.03
C THR B 35 26.26 13.87 -3.71
N GLN B 36 27.34 13.36 -4.27
CA GLN B 36 27.27 12.24 -5.19
C GLN B 36 28.22 11.13 -4.79
N VAL B 37 27.79 9.91 -5.10
CA VAL B 37 28.62 8.70 -5.02
C VAL B 37 28.70 8.14 -6.41
N TYR B 38 29.87 7.69 -6.81
CA TYR B 38 30.12 7.35 -8.20
C TYR B 38 30.50 5.90 -8.41
N PHE B 39 29.97 5.32 -9.48
CA PHE B 39 30.23 3.94 -9.79
C PHE B 39 30.80 3.82 -11.20
N ASP B 40 31.49 2.71 -11.44
CA ASP B 40 32.08 2.41 -12.73
C ASP B 40 31.01 1.68 -13.53
N GLY B 41 29.93 2.36 -13.81
CA GLY B 41 28.88 1.80 -14.65
C GLY B 41 27.92 0.89 -13.92
N LEU B 42 26.96 0.35 -14.66
CA LEU B 42 25.84 -0.38 -14.09
C LEU B 42 26.28 -1.64 -13.38
N GLU B 43 27.20 -2.37 -14.00
CA GLU B 43 27.59 -3.64 -13.44
C GLU B 43 28.14 -3.45 -12.02
N HIS B 44 28.84 -2.35 -11.80
CA HIS B 44 29.39 -2.04 -10.48
C HIS B 44 28.24 -1.85 -9.50
N LEU B 45 27.26 -1.07 -9.91
CA LEU B 45 26.09 -0.83 -9.09
C LEU B 45 25.36 -2.13 -8.76
N GLN B 46 25.17 -2.99 -9.76
CA GLN B 46 24.51 -4.28 -9.49
C GLN B 46 25.22 -5.09 -8.40
N ASN B 47 26.54 -5.13 -8.42
CA ASN B 47 27.29 -5.88 -7.41
C ASN B 47 27.04 -5.33 -6.00
N VAL B 48 26.96 -4.01 -5.89
CA VAL B 48 26.68 -3.37 -4.63
C VAL B 48 25.26 -3.64 -4.19
N ALA B 49 24.33 -3.64 -5.14
CA ALA B 49 22.97 -4.06 -4.84
C ALA B 49 22.94 -5.49 -4.26
N GLN B 50 23.73 -6.38 -4.83
CA GLN B 50 23.84 -7.73 -4.30
C GLN B 50 24.37 -7.75 -2.89
N TYR B 51 25.38 -6.93 -2.67
CA TYR B 51 26.08 -6.90 -1.41
C TYR B 51 25.14 -6.42 -0.31
N LEU B 52 24.32 -5.42 -0.65
CA LEU B 52 23.34 -4.90 0.27
C LEU B 52 22.02 -5.65 0.22
N ALA B 53 21.87 -6.55 -0.74
CA ALA B 53 20.68 -7.39 -0.85
C ALA B 53 19.47 -6.49 -1.03
N ILE B 54 19.56 -5.62 -2.02
CA ILE B 54 18.54 -4.63 -2.30
C ILE B 54 18.36 -4.60 -3.79
N PRO B 55 17.11 -4.59 -4.28
CA PRO B 55 17.01 -4.46 -5.73
C PRO B 55 17.62 -3.16 -6.25
N LEU B 56 18.20 -3.24 -7.43
CA LEU B 56 18.73 -2.10 -8.12
C LEU B 56 17.76 -0.96 -8.16
N SER B 57 16.47 -1.25 -8.36
CA SER B 57 15.49 -0.19 -8.40
C SER B 57 15.68 0.76 -7.22
N GLU B 58 15.92 0.22 -6.04
CA GLU B 58 15.93 1.07 -4.85
C GLU B 58 16.87 2.25 -4.95
N PHE B 59 17.95 2.09 -5.70
CA PHE B 59 19.00 3.11 -5.77
C PHE B 59 18.56 4.38 -6.51
N PHE B 60 17.40 4.30 -7.15
CA PHE B 60 16.79 5.42 -7.84
C PHE B 60 15.42 5.88 -7.30
N VAL B 61 14.81 5.16 -6.36
CA VAL B 61 13.51 5.59 -5.86
C VAL B 61 13.65 6.97 -5.24
N GLY B 62 12.79 7.89 -5.66
CA GLY B 62 12.86 9.28 -5.21
C GLY B 62 13.78 10.16 -6.02
N GLN B 63 14.70 9.58 -6.78
CA GLN B 63 15.79 10.36 -7.39
C GLN B 63 15.40 11.05 -8.69
N THR B 64 14.23 10.74 -9.25
CA THR B 64 13.83 11.45 -10.45
C THR B 64 13.32 12.82 -10.01
N GLN B 65 13.63 13.82 -10.79
CA GLN B 65 13.28 15.19 -10.43
C GLN B 65 11.85 15.51 -10.83
N SER B 66 11.09 16.07 -9.90
CA SER B 66 9.68 16.37 -10.14
C SER B 66 9.50 17.23 -11.39
N ASP B 67 8.50 16.88 -12.20
CA ASP B 67 8.14 17.69 -13.36
C ASP B 67 7.12 18.78 -13.01
N LEU B 68 6.76 18.92 -11.73
CA LEU B 68 5.82 19.96 -11.32
C LEU B 68 6.48 21.32 -11.21
N ASP B 69 5.65 22.36 -11.21
CA ASP B 69 6.09 23.74 -10.93
C ASP B 69 5.16 24.26 -9.88
N ASP B 70 5.67 24.39 -8.66
CA ASP B 70 4.91 24.90 -7.53
C ASP B 70 3.72 24.00 -7.15
N GLY B 71 3.94 22.69 -7.18
CA GLY B 71 2.92 21.73 -6.75
C GLY B 71 1.84 21.36 -7.77
N VAL B 72 2.08 21.73 -9.03
CA VAL B 72 1.06 21.66 -10.07
C VAL B 72 1.71 21.42 -11.42
N LYS B 73 0.98 20.79 -12.35
CA LYS B 73 1.42 20.72 -13.74
C LYS B 73 0.27 20.92 -14.73
N ILE B 74 0.57 21.59 -15.83
CA ILE B 74 -0.42 22.02 -16.80
C ILE B 74 -0.07 21.52 -18.18
N ALA B 75 -1.08 21.02 -18.88
CA ALA B 75 -0.93 20.59 -20.26
C ALA B 75 -1.90 21.36 -21.12
N ARG B 76 -1.64 21.37 -22.42
CA ARG B 76 -2.46 22.11 -23.40
C ARG B 76 -3.04 21.19 -24.44
N ARG B 77 -4.17 21.58 -25.03
CA ARG B 77 -4.73 20.78 -26.12
C ARG B 77 -3.66 20.58 -27.19
N ASN B 78 -3.46 19.32 -27.59
CA ASN B 78 -2.46 18.91 -28.60
C ASN B 78 -1.02 19.10 -28.21
N GLY B 79 -0.76 19.49 -26.97
CA GLY B 79 0.58 19.83 -26.53
C GLY B 79 1.45 18.60 -26.31
N GLY B 80 0.83 17.43 -26.11
CA GLY B 80 1.56 16.21 -25.80
C GLY B 80 1.39 15.11 -26.82
N PHE B 81 1.57 13.88 -26.35
CA PHE B 81 1.54 12.71 -27.23
C PHE B 81 0.13 12.49 -27.77
N LYS B 82 0.07 11.91 -28.96
CA LYS B 82 -1.16 11.76 -29.68
C LYS B 82 -0.97 10.67 -30.70
N ARG B 83 -2.00 9.89 -31.00
CA ARG B 83 -1.80 8.65 -31.76
C ARG B 83 -3.10 7.99 -32.18
N GLU B 84 -3.08 7.29 -33.32
CA GLU B 84 -4.24 6.50 -33.77
C GLU B 84 -4.13 5.08 -33.30
N GLU B 85 -5.26 4.42 -33.09
CA GLU B 85 -5.27 3.05 -32.62
C GLU B 85 -6.10 2.21 -33.56
N ILE B 86 -5.50 1.11 -34.03
CA ILE B 86 -6.15 0.21 -34.98
C ILE B 86 -6.10 -1.20 -34.42
N ARG B 87 -7.27 -1.79 -34.14
CA ARG B 87 -7.42 -3.13 -33.57
C ARG B 87 -8.02 -4.05 -34.63
N GLY B 88 -7.50 -5.28 -34.72
CA GLY B 88 -7.68 -6.12 -35.91
C GLY B 88 -7.26 -5.25 -37.11
N GLY B 89 -8.19 -4.91 -37.99
CA GLY B 89 -7.92 -3.82 -38.94
C GLY B 89 -9.03 -2.79 -38.95
N VAL B 90 -9.49 -2.47 -37.74
CA VAL B 90 -10.56 -1.54 -37.52
C VAL B 90 -10.03 -0.31 -36.80
N HIS B 91 -10.19 0.85 -37.42
CA HIS B 91 -9.81 2.10 -36.78
C HIS B 91 -10.76 2.31 -35.60
N TYR B 92 -10.20 2.34 -34.38
CA TYR B 92 -11.03 2.29 -33.15
C TYR B 92 -11.06 3.58 -32.37
N TYR B 93 -9.88 4.17 -32.13
CA TYR B 93 -9.71 5.36 -31.31
C TYR B 93 -8.64 6.30 -31.86
N THR B 94 -8.72 7.56 -31.44
CA THR B 94 -7.59 8.50 -31.47
C THR B 94 -7.26 8.84 -30.02
N TYR B 95 -6.13 8.36 -29.49
CA TYR B 95 -5.71 8.68 -28.13
C TYR B 95 -5.00 10.02 -28.11
N GLU B 96 -5.36 10.89 -27.18
CA GLU B 96 -4.55 12.08 -26.88
C GLU B 96 -4.25 12.12 -25.39
N HIS B 97 -2.99 12.24 -25.04
CA HIS B 97 -2.60 12.45 -23.64
C HIS B 97 -3.13 13.77 -23.12
N LEU B 98 -3.67 13.75 -21.92
CA LEU B 98 -3.83 14.99 -21.17
C LEU B 98 -2.59 15.14 -20.29
N VAL B 99 -2.64 16.04 -19.31
CA VAL B 99 -1.51 16.20 -18.42
C VAL B 99 -1.06 14.83 -17.93
N THR B 100 0.26 14.63 -17.95
CA THR B 100 0.90 13.45 -17.37
C THR B 100 1.99 13.94 -16.46
N THR B 101 2.26 13.22 -15.38
CA THR B 101 3.32 13.60 -14.45
C THR B 101 4.02 12.41 -13.82
N ASN B 102 5.33 12.56 -13.72
CA ASN B 102 6.18 11.57 -13.04
C ASN B 102 5.93 11.51 -11.52
N GLN B 103 5.08 12.38 -11.01
CA GLN B 103 4.68 12.31 -9.61
C GLN B 103 3.50 11.38 -9.35
N ASP B 104 2.90 10.87 -10.42
CA ASP B 104 1.98 9.76 -10.33
C ASP B 104 1.95 9.03 -11.66
N PRO B 105 2.97 8.20 -11.91
CA PRO B 105 2.97 7.45 -13.14
C PRO B 105 1.75 6.55 -13.32
N GLY B 106 1.05 6.21 -12.21
CA GLY B 106 -0.13 5.34 -12.27
C GLY B 106 -1.36 6.02 -12.84
N LEU B 107 -1.25 7.32 -13.13
CA LEU B 107 -2.31 8.16 -13.63
C LEU B 107 -2.20 8.39 -15.12
N MET B 108 -3.19 7.93 -15.88
CA MET B 108 -3.18 8.14 -17.32
C MET B 108 -4.49 8.77 -17.78
N ALA B 109 -4.44 10.06 -18.03
CA ALA B 109 -5.63 10.83 -18.44
C ALA B 109 -5.66 11.07 -19.93
N LEU B 110 -6.76 10.67 -20.55
CA LEU B 110 -6.86 10.66 -21.99
C LEU B 110 -8.08 11.38 -22.50
N ARG B 111 -7.98 11.87 -23.72
CA ARG B 111 -9.12 12.33 -24.50
C ARG B 111 -9.16 11.44 -25.74
N LEU B 112 -10.34 11.02 -26.17
CA LEU B 112 -10.46 10.07 -27.27
C LEU B 112 -11.51 10.47 -28.26
N ASP B 113 -11.22 10.28 -29.55
CA ASP B 113 -12.25 10.29 -30.56
C ASP B 113 -12.58 8.86 -30.84
N LEU B 114 -13.85 8.56 -31.06
CA LEU B 114 -14.27 7.20 -31.42
C LEU B 114 -14.52 7.11 -32.91
N HIS B 115 -14.02 6.05 -33.52
CA HIS B 115 -14.13 5.90 -34.96
C HIS B 115 -14.99 4.69 -35.32
N SER B 116 -14.95 3.64 -34.52
CA SER B 116 -15.75 2.45 -34.77
C SER B 116 -17.22 2.56 -34.35
N ASP B 117 -17.99 1.54 -34.69
CA ASP B 117 -19.43 1.49 -34.41
C ASP B 117 -19.94 0.05 -34.64
N ASP B 118 -21.25 -0.17 -34.64
CA ASP B 118 -21.81 -1.54 -34.68
C ASP B 118 -21.68 -2.24 -36.04
N GLU B 119 -21.35 -1.48 -37.08
CA GLU B 119 -21.10 -2.07 -38.39
C GLU B 119 -19.72 -2.71 -38.44
N GLN B 120 -18.83 -2.28 -37.56
CA GLN B 120 -17.50 -2.87 -37.44
C GLN B 120 -17.57 -4.05 -36.50
N PRO B 121 -16.60 -4.96 -36.61
CA PRO B 121 -16.52 -5.97 -35.57
C PRO B 121 -16.10 -5.39 -34.22
N LEU B 122 -16.44 -6.14 -33.19
CA LEU B 122 -16.15 -5.80 -31.81
C LEU B 122 -14.67 -6.06 -31.54
N ARG B 123 -14.00 -5.12 -30.87
CA ARG B 123 -12.58 -5.26 -30.53
C ARG B 123 -12.35 -4.88 -29.08
N LEU B 124 -12.71 -5.79 -28.17
CA LEU B 124 -12.46 -5.59 -26.75
C LEU B 124 -10.96 -5.52 -26.49
N ASN B 125 -10.58 -4.82 -25.42
CA ASN B 125 -9.23 -4.94 -24.87
C ASN B 125 -9.23 -6.12 -23.89
N GLY B 126 -8.13 -6.33 -23.16
CA GLY B 126 -8.07 -7.39 -22.16
C GLY B 126 -8.26 -6.92 -20.72
N GLY B 127 -8.86 -5.74 -20.52
CA GLY B 127 -8.91 -5.10 -19.20
C GLY B 127 -7.53 -4.61 -18.80
N HIS B 128 -7.40 -3.94 -17.67
CA HIS B 128 -6.08 -3.50 -17.18
C HIS B 128 -6.09 -3.24 -15.68
N GLY B 129 -4.89 -3.19 -15.10
CA GLY B 129 -4.71 -3.03 -13.66
C GLY B 129 -5.32 -1.76 -13.09
N SER B 130 -5.34 -0.70 -13.89
CA SER B 130 -5.90 0.57 -13.46
C SER B 130 -7.41 0.52 -13.32
N ARG B 131 -7.90 1.25 -12.33
CA ARG B 131 -9.31 1.62 -12.28
C ARG B 131 -9.49 2.66 -13.36
N GLU B 132 -10.70 2.84 -13.83
CA GLU B 132 -10.95 3.76 -14.92
C GLU B 132 -12.30 4.42 -14.76
N ILE B 133 -12.33 5.72 -14.93
CA ILE B 133 -13.58 6.44 -15.02
C ILE B 133 -13.60 7.20 -16.35
N VAL B 134 -14.76 7.18 -17.00
CA VAL B 134 -14.95 7.78 -18.30
C VAL B 134 -16.15 8.71 -18.26
N TYR B 135 -16.01 9.87 -18.88
CA TYR B 135 -17.07 10.85 -19.01
C TYR B 135 -17.30 11.15 -20.50
N VAL B 136 -18.55 11.27 -20.92
CA VAL B 136 -18.81 11.57 -22.33
C VAL B 136 -18.93 13.07 -22.51
N THR B 137 -18.02 13.66 -23.28
CA THR B 137 -18.11 15.08 -23.61
C THR B 137 -18.98 15.38 -24.84
N ARG B 138 -19.07 14.44 -25.77
CA ARG B 138 -19.83 14.70 -26.99
C ARG B 138 -20.38 13.43 -27.64
N GLY B 139 -21.67 13.46 -27.98
CA GLY B 139 -22.27 12.43 -28.78
C GLY B 139 -22.86 11.32 -27.95
N ALA B 140 -22.96 10.14 -28.56
CA ALA B 140 -23.61 9.02 -27.94
C ALA B 140 -22.72 7.79 -28.10
N VAL B 141 -22.44 7.16 -26.96
CA VAL B 141 -21.41 6.15 -26.89
C VAL B 141 -21.96 4.80 -26.53
N ARG B 142 -21.60 3.82 -27.35
CA ARG B 142 -21.92 2.43 -27.13
C ARG B 142 -20.79 1.85 -26.31
N VAL B 143 -21.12 1.30 -25.15
CA VAL B 143 -20.12 0.70 -24.29
C VAL B 143 -20.46 -0.78 -24.10
N ARG B 144 -19.50 -1.65 -24.35
CA ARG B 144 -19.68 -3.08 -24.16
C ARG B 144 -18.59 -3.56 -23.23
N TRP B 145 -18.91 -4.54 -22.40
CA TRP B 145 -17.92 -5.11 -21.46
C TRP B 145 -18.27 -6.53 -21.02
N VAL B 146 -17.25 -7.28 -20.58
CA VAL B 146 -17.45 -8.65 -20.08
C VAL B 146 -17.74 -8.64 -18.58
N GLY B 147 -18.98 -9.01 -18.24
CA GLY B 147 -19.42 -8.99 -16.87
C GLY B 147 -19.11 -10.25 -16.10
N ASP B 148 -20.03 -10.59 -15.21
CA ASP B 148 -19.93 -11.78 -14.37
C ASP B 148 -20.19 -13.00 -15.23
N ASN B 149 -19.54 -14.11 -14.89
CA ASN B 149 -19.67 -15.35 -15.64
C ASN B 149 -19.32 -15.20 -17.12
N ASP B 150 -18.41 -14.25 -17.41
CA ASP B 150 -17.95 -13.97 -18.78
C ASP B 150 -19.04 -13.61 -19.79
N GLU B 151 -20.17 -13.07 -19.31
CA GLU B 151 -21.26 -12.68 -20.19
C GLU B 151 -21.05 -11.26 -20.68
N LEU B 152 -21.23 -11.08 -21.98
CA LEU B 152 -21.10 -9.77 -22.59
C LEU B 152 -22.30 -8.89 -22.22
N LYS B 153 -22.02 -7.67 -21.81
CA LYS B 153 -23.07 -6.70 -21.48
C LYS B 153 -22.86 -5.46 -22.32
N GLU B 154 -23.91 -4.63 -22.39
CA GLU B 154 -23.84 -3.39 -23.16
C GLU B 154 -24.82 -2.35 -22.65
N ASP B 155 -24.51 -1.09 -22.97
CA ASP B 155 -25.38 0.03 -22.62
C ASP B 155 -24.97 1.22 -23.48
N VAL B 156 -25.70 2.33 -23.35
CA VAL B 156 -25.40 3.52 -24.12
C VAL B 156 -25.20 4.70 -23.19
N LEU B 157 -24.15 5.47 -23.45
CA LEU B 157 -23.86 6.66 -22.67
C LEU B 157 -24.01 7.89 -23.50
N ASN B 158 -24.67 8.89 -22.94
CA ASN B 158 -24.91 10.14 -23.66
C ASN B 158 -24.09 11.25 -23.07
N GLU B 159 -23.97 12.31 -23.83
CA GLU B 159 -23.24 13.47 -23.38
C GLU B 159 -23.55 13.72 -21.89
N GLY B 160 -22.52 13.69 -21.05
CA GLY B 160 -22.67 14.01 -19.64
C GLY B 160 -22.82 12.81 -18.72
N ASP B 161 -23.02 11.62 -19.31
CA ASP B 161 -23.12 10.40 -18.55
C ASP B 161 -21.70 9.95 -18.21
N SER B 162 -21.56 9.05 -17.25
CA SER B 162 -20.22 8.58 -16.82
C SER B 162 -20.26 7.11 -16.39
N ILE B 163 -19.08 6.50 -16.33
CA ILE B 163 -18.96 5.09 -15.97
C ILE B 163 -17.66 4.76 -15.26
N PHE B 164 -17.73 3.92 -14.26
CA PHE B 164 -16.55 3.45 -13.53
C PHE B 164 -16.31 2.01 -13.93
N ILE B 165 -15.03 1.65 -14.08
CA ILE B 165 -14.68 0.31 -14.50
C ILE B 165 -13.61 -0.31 -13.60
N LEU B 166 -14.00 -1.41 -12.97
CA LEU B 166 -13.14 -2.17 -12.10
C LEU B 166 -11.93 -2.68 -12.88
N PRO B 167 -10.77 -2.80 -12.21
CA PRO B 167 -9.61 -3.37 -12.85
C PRO B 167 -9.88 -4.68 -13.58
N ASN B 168 -9.19 -4.82 -14.71
CA ASN B 168 -9.19 -6.05 -15.51
C ASN B 168 -10.56 -6.47 -16.04
N VAL B 169 -11.49 -5.52 -16.05
CA VAL B 169 -12.73 -5.74 -16.74
C VAL B 169 -12.51 -5.32 -18.19
N PRO B 170 -12.66 -6.27 -19.13
CA PRO B 170 -12.44 -5.96 -20.54
C PRO B 170 -13.56 -5.08 -21.07
N HIS B 171 -13.23 -4.13 -21.95
CA HIS B 171 -14.23 -3.16 -22.39
C HIS B 171 -13.92 -2.49 -23.73
N SER B 172 -14.96 -1.89 -24.29
CA SER B 172 -14.93 -1.25 -25.61
C SER B 172 -15.92 -0.10 -25.67
N PHE B 173 -15.47 1.03 -26.21
CA PHE B 173 -16.35 2.12 -26.47
C PHE B 173 -16.41 2.34 -27.95
N THR B 174 -17.61 2.45 -28.48
CA THR B 174 -17.81 2.74 -29.89
C THR B 174 -18.93 3.78 -30.06
N ASN B 175 -19.05 4.33 -31.26
CA ASN B 175 -20.18 5.18 -31.57
C ASN B 175 -21.46 4.39 -31.61
N HIS B 176 -22.49 4.95 -31.01
CA HIS B 176 -23.82 4.36 -31.03
C HIS B 176 -24.43 4.54 -32.41
N VAL B 177 -24.25 5.73 -32.98
CA VAL B 177 -24.82 6.07 -34.25
C VAL B 177 -23.64 5.87 -35.20
N GLY B 178 -23.66 4.97 -36.16
CA GLY B 178 -22.47 4.93 -37.07
C GLY B 178 -22.25 6.23 -37.85
N GLY B 179 -21.01 6.76 -37.89
CA GLY B 179 -20.72 7.99 -38.63
C GLY B 179 -20.67 9.21 -37.74
N ALA B 180 -21.65 9.38 -36.86
CA ALA B 180 -21.59 10.45 -35.85
C ALA B 180 -20.45 10.12 -34.89
N LYS B 181 -19.40 10.95 -34.87
CA LYS B 181 -18.18 10.64 -34.10
C LYS B 181 -18.13 11.32 -32.72
N SER B 182 -18.08 10.48 -31.69
CA SER B 182 -18.16 10.90 -30.31
C SER B 182 -16.79 11.11 -29.66
N GLU B 183 -16.82 11.77 -28.51
CA GLU B 183 -15.63 12.09 -27.74
C GLU B 183 -15.86 11.75 -26.29
N ILE B 184 -14.83 11.21 -25.65
CA ILE B 184 -14.89 10.88 -24.23
C ILE B 184 -13.60 11.28 -23.56
N ILE B 185 -13.64 11.34 -22.24
CA ILE B 185 -12.45 11.55 -21.42
C ILE B 185 -12.29 10.27 -20.61
N ALA B 186 -11.08 9.73 -20.51
CA ALA B 186 -10.86 8.54 -19.71
C ALA B 186 -9.73 8.78 -18.74
N ILE B 187 -9.96 8.45 -17.48
CA ILE B 187 -8.95 8.60 -16.44
C ILE B 187 -8.61 7.26 -15.82
N ASN B 188 -7.41 6.77 -16.08
CA ASN B 188 -6.97 5.54 -15.49
C ASN B 188 -6.13 5.94 -14.32
N TYR B 189 -6.24 5.22 -13.21
CA TYR B 189 -5.45 5.54 -12.03
C TYR B 189 -5.39 4.35 -11.07
N GLY B 190 -4.64 4.53 -9.98
CA GLY B 190 -4.66 3.59 -8.84
C GLY B 190 -4.68 2.12 -9.23
N THR C 5 25.94 -0.36 -22.94
CA THR C 5 24.68 -1.13 -23.24
C THR C 5 23.87 -1.48 -21.98
N LEU C 6 22.60 -1.09 -22.00
CA LEU C 6 21.68 -1.37 -20.91
C LEU C 6 20.57 -2.28 -21.40
N ALA C 7 20.28 -3.30 -20.61
CA ALA C 7 19.21 -4.24 -20.91
C ALA C 7 18.03 -3.98 -19.99
N VAL C 8 16.83 -4.07 -20.55
CA VAL C 8 15.62 -3.94 -19.76
C VAL C 8 14.67 -5.03 -20.21
N GLY C 9 14.06 -5.72 -19.26
CA GLY C 9 13.11 -6.78 -19.57
C GLY C 9 11.99 -6.29 -20.47
N LYS C 10 11.77 -7.01 -21.56
CA LYS C 10 10.84 -6.58 -22.59
C LYS C 10 9.42 -6.59 -22.06
N ALA C 11 9.02 -7.70 -21.47
CA ALA C 11 7.66 -7.82 -20.93
C ALA C 11 7.32 -6.63 -20.01
N HIS C 12 8.28 -6.29 -19.15
CA HIS C 12 8.16 -5.19 -18.22
C HIS C 12 8.08 -3.85 -18.95
N LEU C 13 8.97 -3.64 -19.91
CA LEU C 13 8.94 -2.38 -20.64
C LEU C 13 7.64 -2.23 -21.42
N GLU C 14 7.23 -3.28 -22.10
CA GLU C 14 5.95 -3.27 -22.79
C GLU C 14 4.81 -2.91 -21.86
N ALA C 15 4.82 -3.48 -20.66
CA ALA C 15 3.75 -3.24 -19.70
C ALA C 15 3.73 -1.78 -19.29
N LEU C 16 4.91 -1.23 -19.04
CA LEU C 16 5.03 0.20 -18.79
C LEU C 16 4.53 1.04 -19.94
N LEU C 17 4.90 0.65 -21.15
CA LEU C 17 4.45 1.37 -22.33
C LEU C 17 2.92 1.39 -22.45
N ALA C 18 2.29 0.24 -22.25
CA ALA C 18 0.84 0.14 -22.28
C ALA C 18 0.14 0.98 -21.22
N THR C 19 0.80 1.25 -20.10
CA THR C 19 0.22 2.18 -19.12
C THR C 19 0.10 3.58 -19.71
N ARG C 20 1.03 3.94 -20.61
CA ARG C 20 0.93 5.19 -21.37
C ARG C 20 0.29 5.02 -22.75
N LYS C 21 -0.35 3.85 -22.97
CA LYS C 21 -1.01 3.48 -24.23
C LYS C 21 -0.04 3.55 -25.40
N MET C 22 1.12 2.91 -25.23
CA MET C 22 2.13 2.86 -26.28
C MET C 22 2.62 1.42 -26.47
N THR C 23 3.52 1.27 -27.43
CA THR C 23 4.14 0.00 -27.77
C THR C 23 5.57 0.31 -28.15
N LEU C 24 6.38 -0.73 -28.26
CA LEU C 24 7.81 -0.56 -28.57
C LEU C 24 8.12 0.30 -29.77
N GLU C 25 7.29 0.18 -30.80
CA GLU C 25 7.46 0.93 -32.04
C GLU C 25 7.57 2.45 -31.78
N HIS C 26 6.92 2.94 -30.72
CA HIS C 26 6.95 4.38 -30.38
C HIS C 26 8.26 4.83 -29.77
N LEU C 27 9.15 3.86 -29.56
CA LEU C 27 10.55 4.13 -29.26
C LEU C 27 11.27 3.67 -30.50
N GLN C 28 11.59 4.60 -31.38
CA GLN C 28 12.04 4.17 -32.70
C GLN C 28 13.48 3.65 -32.69
N ASP C 29 14.26 4.15 -31.73
CA ASP C 29 15.71 4.01 -31.72
C ASP C 29 16.14 3.00 -30.66
N VAL C 30 15.53 1.80 -30.69
CA VAL C 30 15.86 0.76 -29.74
C VAL C 30 15.82 -0.61 -30.37
N ARG C 31 16.86 -1.39 -30.13
CA ARG C 31 16.82 -2.78 -30.56
C ARG C 31 16.21 -3.56 -29.45
N HIS C 32 15.54 -4.62 -29.85
CA HIS C 32 15.04 -5.58 -28.89
C HIS C 32 15.34 -6.98 -29.39
N ASP C 33 15.18 -7.95 -28.49
CA ASP C 33 15.21 -9.34 -28.89
C ASP C 33 13.91 -9.97 -28.32
N ALA C 34 13.89 -11.27 -28.10
CA ALA C 34 12.71 -11.93 -27.52
C ALA C 34 12.43 -11.56 -26.05
N THR C 35 13.48 -11.41 -25.24
CA THR C 35 13.34 -11.09 -23.80
C THR C 35 13.80 -9.69 -23.37
N GLN C 36 14.62 -9.04 -24.19
CA GLN C 36 15.36 -7.87 -23.78
C GLN C 36 15.17 -6.72 -24.74
N VAL C 37 15.23 -5.51 -24.18
CA VAL C 37 15.31 -4.28 -24.93
C VAL C 37 16.62 -3.61 -24.53
N TYR C 38 17.32 -3.02 -25.50
CA TYR C 38 18.67 -2.50 -25.26
C TYR C 38 18.82 -1.01 -25.49
N PHE C 39 19.57 -0.36 -24.62
CA PHE C 39 19.77 1.09 -24.69
C PHE C 39 21.25 1.41 -24.76
N ASP C 40 21.56 2.59 -25.26
CA ASP C 40 22.91 3.10 -25.36
C ASP C 40 23.23 3.81 -24.05
N GLY C 41 23.24 3.04 -22.97
CA GLY C 41 23.66 3.55 -21.68
C GLY C 41 22.55 4.27 -20.94
N LEU C 42 22.90 4.79 -19.76
CA LEU C 42 21.95 5.38 -18.83
C LEU C 42 21.28 6.61 -19.39
N GLU C 43 22.05 7.49 -20.02
CA GLU C 43 21.50 8.73 -20.50
C GLU C 43 20.37 8.49 -21.52
N HIS C 44 20.50 7.45 -22.34
CA HIS C 44 19.44 7.07 -23.27
C HIS C 44 18.19 6.67 -22.51
N LEU C 45 18.36 5.83 -21.50
CA LEU C 45 17.24 5.43 -20.65
C LEU C 45 16.56 6.61 -19.94
N GLN C 46 17.34 7.54 -19.38
CA GLN C 46 16.76 8.73 -18.75
C GLN C 46 15.87 9.53 -19.70
N ASN C 47 16.30 9.70 -20.95
CA ASN C 47 15.49 10.42 -21.93
C ASN C 47 14.14 9.75 -22.16
N VAL C 48 14.17 8.43 -22.24
CA VAL C 48 12.98 7.65 -22.42
C VAL C 48 12.07 7.75 -21.18
N ALA C 49 12.67 7.73 -19.99
CA ALA C 49 11.89 7.98 -18.77
C ALA C 49 11.21 9.35 -18.79
N GLN C 50 11.92 10.37 -19.27
CA GLN C 50 11.33 11.69 -19.46
C GLN C 50 10.15 11.65 -20.43
N TYR C 51 10.35 10.93 -21.54
CA TYR C 51 9.37 10.88 -22.62
C TYR C 51 8.10 10.20 -22.13
N LEU C 52 8.26 9.16 -21.34
CA LEU C 52 7.15 8.46 -20.76
C LEU C 52 6.68 9.10 -19.48
N ALA C 53 7.43 10.06 -18.94
CA ALA C 53 7.06 10.74 -17.70
C ALA C 53 6.91 9.72 -16.57
N ILE C 54 7.96 8.93 -16.39
CA ILE C 54 8.00 7.85 -15.39
C ILE C 54 9.36 7.91 -14.73
N PRO C 55 9.41 7.80 -13.39
CA PRO C 55 10.77 7.81 -12.83
C PRO C 55 11.62 6.65 -13.33
N LEU C 56 12.91 6.91 -13.49
CA LEU C 56 13.85 5.89 -13.86
C LEU C 56 13.67 4.63 -13.03
N SER C 57 13.42 4.79 -11.73
CA SER C 57 13.29 3.62 -10.84
C SER C 57 12.34 2.60 -11.42
N GLU C 58 11.24 3.06 -11.98
CA GLU C 58 10.26 2.13 -12.48
C GLU C 58 10.81 1.10 -13.45
N PHE C 59 11.83 1.46 -14.23
CA PHE C 59 12.34 0.58 -15.28
C PHE C 59 13.05 -0.65 -14.75
N PHE C 60 13.33 -0.66 -13.45
CA PHE C 60 14.00 -1.77 -12.81
C PHE C 60 13.16 -2.48 -11.78
N VAL C 61 11.99 -1.95 -11.46
CA VAL C 61 11.18 -2.61 -10.44
C VAL C 61 10.90 -4.03 -10.93
N GLY C 62 11.24 -5.01 -10.11
CA GLY C 62 11.04 -6.42 -10.46
C GLY C 62 12.22 -7.05 -11.19
N GLN C 63 13.12 -6.23 -11.75
CA GLN C 63 14.14 -6.75 -12.65
C GLN C 63 15.38 -7.31 -11.95
N THR C 64 15.53 -7.11 -10.65
CA THR C 64 16.69 -7.67 -9.98
C THR C 64 16.34 -9.13 -9.77
N GLN C 65 17.32 -9.98 -9.95
CA GLN C 65 17.05 -11.38 -9.91
C GLN C 65 16.98 -11.84 -8.46
N SER C 66 15.93 -12.59 -8.15
CA SER C 66 15.67 -13.02 -6.78
C SER C 66 16.86 -13.76 -6.20
N ASP C 67 17.18 -13.45 -4.94
CA ASP C 67 18.23 -14.18 -4.20
C ASP C 67 17.68 -15.38 -3.46
N LEU C 68 16.40 -15.67 -3.64
CA LEU C 68 15.82 -16.86 -3.06
C LEU C 68 16.20 -18.10 -3.83
N ASP C 69 16.05 -19.25 -3.17
CA ASP C 69 16.20 -20.56 -3.80
C ASP C 69 14.97 -21.35 -3.43
N ASP C 70 14.10 -21.55 -4.40
CA ASP C 70 12.85 -22.28 -4.20
C ASP C 70 11.92 -21.59 -3.19
N GLY C 71 11.83 -20.26 -3.25
CA GLY C 71 10.86 -19.51 -2.44
C GLY C 71 11.28 -19.19 -1.03
N VAL C 72 12.57 -19.38 -0.76
CA VAL C 72 13.11 -19.35 0.58
C VAL C 72 14.56 -18.88 0.57
N LYS C 73 15.02 -18.26 1.67
CA LYS C 73 16.44 -17.98 1.83
C LYS C 73 16.91 -18.24 3.26
N ILE C 74 18.12 -18.76 3.38
CA ILE C 74 18.65 -19.23 4.63
C ILE C 74 19.96 -18.56 4.93
N ALA C 75 20.14 -18.14 6.18
CA ALA C 75 21.40 -17.58 6.64
C ALA C 75 21.88 -18.39 7.84
N ARG C 76 23.17 -18.27 8.15
CA ARG C 76 23.80 -19.05 9.20
C ARG C 76 24.38 -18.14 10.24
N ARG C 77 24.44 -18.62 11.47
CA ARG C 77 25.08 -17.82 12.48
C ARG C 77 26.52 -17.50 12.05
N ASN C 78 26.86 -16.22 12.11
CA ASN C 78 28.15 -15.64 11.69
C ASN C 78 28.42 -15.61 10.20
N GLY C 79 27.43 -16.02 9.41
CA GLY C 79 27.66 -16.24 7.99
C GLY C 79 27.67 -14.95 7.21
N GLY C 80 27.08 -13.89 7.78
CA GLY C 80 26.91 -12.64 7.06
C GLY C 80 27.66 -11.50 7.66
N PHE C 81 27.14 -10.30 7.43
CA PHE C 81 27.76 -9.10 7.96
C PHE C 81 27.65 -9.04 9.48
N LYS C 82 28.66 -8.44 10.09
CA LYS C 82 28.81 -8.43 11.53
C LYS C 82 29.72 -7.25 11.89
N ARG C 83 29.47 -6.60 13.01
CA ARG C 83 30.16 -5.34 13.26
C ARG C 83 29.96 -4.85 14.68
N GLU C 84 30.94 -4.13 15.20
CA GLU C 84 30.80 -3.46 16.50
C GLU C 84 30.31 -2.04 16.33
N GLU C 85 29.57 -1.54 17.31
CA GLU C 85 29.00 -0.19 17.26
C GLU C 85 29.45 0.58 18.50
N ILE C 86 30.04 1.74 18.26
CA ILE C 86 30.58 2.56 19.31
C ILE C 86 30.01 3.94 19.14
N ARG C 87 29.23 4.37 20.14
CA ARG C 87 28.56 5.66 20.14
C ARG C 87 29.28 6.50 21.20
N GLY C 88 29.74 7.70 20.84
CA GLY C 88 30.54 8.54 21.74
C GLY C 88 31.71 7.86 22.46
N GLY C 89 32.38 6.89 21.83
CA GLY C 89 33.40 6.13 22.54
C GLY C 89 32.84 5.20 23.64
N VAL C 90 31.54 4.90 23.60
CA VAL C 90 30.96 3.89 24.47
C VAL C 90 30.62 2.70 23.60
N HIS C 91 31.18 1.55 23.90
CA HIS C 91 30.85 0.34 23.19
C HIS C 91 29.42 -0.03 23.52
N TYR C 92 28.55 -0.03 22.52
CA TYR C 92 27.10 -0.11 22.76
C TYR C 92 26.48 -1.44 22.37
N TYR C 93 26.80 -1.89 21.15
CA TYR C 93 26.21 -3.08 20.53
C TYR C 93 27.22 -3.87 19.70
N THR C 94 26.92 -5.14 19.48
CA THR C 94 27.49 -5.91 18.39
C THR C 94 26.34 -6.24 17.46
N TYR C 95 26.27 -5.63 16.27
CA TYR C 95 25.24 -5.97 15.27
C TYR C 95 25.64 -7.21 14.47
N GLU C 96 24.74 -8.18 14.33
CA GLU C 96 24.91 -9.28 13.39
C GLU C 96 23.67 -9.36 12.49
N HIS C 97 23.88 -9.34 11.19
CA HIS C 97 22.79 -9.57 10.24
C HIS C 97 22.25 -10.96 10.41
N LEU C 98 20.94 -11.09 10.39
CA LEU C 98 20.33 -12.39 10.11
C LEU C 98 20.07 -12.45 8.61
N VAL C 99 19.25 -13.40 8.18
CA VAL C 99 18.92 -13.48 6.76
C VAL C 99 18.47 -12.11 6.25
N THR C 100 18.98 -11.74 5.08
CA THR C 100 18.57 -10.54 4.39
C THR C 100 18.24 -10.95 2.96
N THR C 101 17.28 -10.28 2.33
CA THR C 101 16.88 -10.62 0.95
C THR C 101 16.41 -9.43 0.11
N ASN C 102 16.83 -9.42 -1.15
CA ASN C 102 16.37 -8.42 -2.14
C ASN C 102 14.90 -8.52 -2.48
N GLN C 103 14.23 -9.53 -1.94
CA GLN C 103 12.79 -9.63 -2.09
C GLN C 103 12.02 -8.84 -1.04
N ASP C 104 12.72 -8.29 -0.05
CA ASP C 104 12.18 -7.28 0.86
C ASP C 104 13.28 -6.42 1.45
N PRO C 105 13.78 -5.46 0.67
CA PRO C 105 14.86 -4.62 1.16
C PRO C 105 14.49 -3.84 2.39
N GLY C 106 13.20 -3.67 2.66
CA GLY C 106 12.73 -2.94 3.84
C GLY C 106 12.87 -3.69 5.16
N LEU C 107 13.32 -4.94 5.07
CA LEU C 107 13.40 -5.84 6.20
C LEU C 107 14.81 -5.97 6.70
N MET C 108 15.06 -5.61 7.95
CA MET C 108 16.39 -5.71 8.52
C MET C 108 16.34 -6.47 9.83
N ALA C 109 16.73 -7.73 9.78
CA ALA C 109 16.69 -8.59 10.93
C ALA C 109 18.08 -8.74 11.57
N LEU C 110 18.14 -8.46 12.86
CA LEU C 110 19.39 -8.41 13.56
C LEU C 110 19.43 -9.22 14.82
N ARG C 111 20.64 -9.64 15.19
CA ARG C 111 20.94 -10.19 16.51
C ARG C 111 21.93 -9.23 17.14
N LEU C 112 21.79 -8.94 18.43
CA LEU C 112 22.66 -7.96 19.09
C LEU C 112 23.15 -8.44 20.41
N ASP C 113 24.42 -8.17 20.71
CA ASP C 113 24.92 -8.30 22.06
C ASP C 113 24.91 -6.90 22.60
N LEU C 114 24.58 -6.76 23.88
CA LEU C 114 24.63 -5.45 24.52
C LEU C 114 25.86 -5.31 25.37
N HIS C 115 26.52 -4.17 25.26
CA HIS C 115 27.76 -3.98 25.98
C HIS C 115 27.64 -2.87 27.01
N SER C 116 26.82 -1.87 26.72
CA SER C 116 26.62 -0.76 27.66
C SER C 116 25.68 -1.08 28.81
N ASP C 117 25.59 -0.15 29.75
CA ASP C 117 24.75 -0.28 30.94
C ASP C 117 24.63 1.09 31.61
N ASP C 118 24.08 1.15 32.82
CA ASP C 118 23.77 2.45 33.48
C ASP C 118 25.01 3.23 33.96
N GLU C 119 26.15 2.56 34.02
CA GLU C 119 27.39 3.19 34.39
C GLU C 119 27.94 4.00 33.23
N GLN C 120 27.52 3.65 32.02
CA GLN C 120 27.91 4.39 30.82
C GLN C 120 26.91 5.51 30.58
N PRO C 121 27.33 6.53 29.83
CA PRO C 121 26.33 7.50 29.43
C PRO C 121 25.34 6.92 28.44
N LEU C 122 24.20 7.59 28.38
CA LEU C 122 23.11 7.23 27.51
C LEU C 122 23.43 7.64 26.09
N ARG C 123 23.17 6.75 25.12
CA ARG C 123 23.41 7.06 23.71
C ARG C 123 22.21 6.63 22.87
N LEU C 124 21.17 7.44 22.90
CA LEU C 124 20.00 7.21 22.07
C LEU C 124 20.38 7.31 20.59
N ASN C 125 19.62 6.61 19.74
CA ASN C 125 19.65 6.87 18.30
C ASN C 125 18.65 7.99 17.99
N GLY C 126 18.42 8.28 16.71
CA GLY C 126 17.45 9.31 16.32
C GLY C 126 16.09 8.79 15.88
N GLY C 127 15.78 7.55 16.22
CA GLY C 127 14.60 6.84 15.68
C GLY C 127 14.84 6.51 14.22
N HIS C 128 13.90 5.80 13.58
CA HIS C 128 14.05 5.49 12.15
C HIS C 128 12.71 5.17 11.50
N GLY C 129 12.68 5.23 10.16
CA GLY C 129 11.46 5.02 9.39
C GLY C 129 10.81 3.66 9.59
N SER C 130 11.62 2.65 9.84
CA SER C 130 11.12 1.30 10.08
C SER C 130 10.38 1.16 11.40
N ARG C 131 9.35 0.33 11.39
CA ARG C 131 8.75 -0.16 12.60
C ARG C 131 9.76 -1.14 13.11
N GLU C 132 9.70 -1.45 14.38
CA GLU C 132 10.65 -2.35 14.96
C GLU C 132 10.01 -3.19 16.06
N ILE C 133 10.30 -4.49 16.06
CA ILE C 133 9.96 -5.33 17.16
C ILE C 133 11.22 -6.03 17.67
N VAL C 134 11.32 -6.11 18.99
CA VAL C 134 12.48 -6.66 19.65
C VAL C 134 12.06 -7.72 20.64
N TYR C 135 12.80 -8.82 20.64
CA TYR C 135 12.58 -9.94 21.55
C TYR C 135 13.85 -10.20 22.35
N VAL C 136 13.73 -10.46 23.65
CA VAL C 136 14.91 -10.72 24.45
C VAL C 136 15.18 -12.20 24.52
N THR C 137 16.31 -12.64 23.98
CA THR C 137 16.69 -14.05 24.03
C THR C 137 17.45 -14.40 25.30
N ARG C 138 18.16 -13.43 25.86
CA ARG C 138 18.99 -13.74 27.02
C ARG C 138 19.27 -12.55 27.89
N GLY C 139 19.09 -12.73 29.20
CA GLY C 139 19.46 -11.71 30.17
C GLY C 139 18.35 -10.71 30.43
N ALA C 140 18.76 -9.54 30.89
CA ALA C 140 17.81 -8.54 31.32
C ALA C 140 18.20 -7.22 30.70
N VAL C 141 17.23 -6.59 30.05
CA VAL C 141 17.52 -5.46 29.18
C VAL C 141 16.84 -4.19 29.67
N ARG C 142 17.64 -3.15 29.73
CA ARG C 142 17.18 -1.82 30.06
C ARG C 142 16.83 -1.16 28.76
N VAL C 143 15.60 -0.69 28.63
CA VAL C 143 15.18 0.01 27.44
C VAL C 143 14.77 1.42 27.82
N ARG C 144 15.32 2.42 27.11
CA ARG C 144 14.94 3.84 27.33
C ARG C 144 14.51 4.42 26.00
N TRP C 145 13.53 5.31 26.02
CA TRP C 145 13.04 5.92 24.79
C TRP C 145 12.36 7.26 25.06
N VAL C 146 12.28 8.08 24.02
CA VAL C 146 11.63 9.38 24.10
C VAL C 146 10.16 9.24 23.77
N GLY C 147 9.32 9.46 24.78
CA GLY C 147 7.87 9.36 24.61
C GLY C 147 7.20 10.63 24.14
N ASP C 148 5.97 10.84 24.64
CA ASP C 148 5.17 12.00 24.27
C ASP C 148 5.74 13.23 24.94
N ASN C 149 5.61 14.37 24.28
CA ASN C 149 6.17 15.64 24.79
C ASN C 149 7.67 15.57 25.08
N ASP C 150 8.38 14.73 24.31
CA ASP C 150 9.83 14.55 24.41
C ASP C 150 10.33 14.14 25.79
N GLU C 151 9.48 13.49 26.58
CA GLU C 151 9.87 13.01 27.90
C GLU C 151 10.53 11.65 27.82
N LEU C 152 11.64 11.51 28.51
CA LEU C 152 12.35 10.24 28.57
C LEU C 152 11.60 9.21 29.43
N LYS C 153 11.47 7.99 28.92
CA LYS C 153 10.83 6.89 29.62
C LYS C 153 11.76 5.71 29.65
N GLU C 154 11.48 4.78 30.53
CA GLU C 154 12.30 3.59 30.69
C GLU C 154 11.53 2.40 31.28
N ASP C 155 12.03 1.21 31.03
CA ASP C 155 11.47 -0.03 31.56
C ASP C 155 12.53 -1.14 31.42
N VAL C 156 12.21 -2.32 31.92
CA VAL C 156 13.12 -3.44 31.88
C VAL C 156 12.46 -4.64 31.22
N LEU C 157 13.19 -5.28 30.32
CA LEU C 157 12.71 -6.44 29.61
C LEU C 157 13.51 -7.64 29.98
N ASN C 158 12.83 -8.74 30.25
CA ASN C 158 13.48 -9.96 30.63
C ASN C 158 13.38 -10.99 29.53
N GLU C 159 14.21 -12.01 29.64
CA GLU C 159 14.19 -13.10 28.68
C GLU C 159 12.75 -13.45 28.32
N GLY C 160 12.42 -13.32 27.05
CA GLY C 160 11.11 -13.73 26.56
C GLY C 160 10.12 -12.59 26.39
N ASP C 161 10.47 -11.43 26.91
CA ASP C 161 9.62 -10.25 26.83
C ASP C 161 9.86 -9.63 25.49
N SER C 162 8.98 -8.71 25.08
CA SER C 162 9.09 -8.11 23.77
C SER C 162 8.58 -6.70 23.74
N ILE C 163 8.93 -5.97 22.68
CA ILE C 163 8.51 -4.59 22.55
C ILE C 163 8.34 -4.14 21.09
N PHE C 164 7.32 -3.36 20.81
CA PHE C 164 7.09 -2.79 19.49
C PHE C 164 7.40 -1.31 19.54
N ILE C 165 8.01 -0.78 18.48
CA ILE C 165 8.44 0.60 18.46
C ILE C 165 7.99 1.29 17.20
N LEU C 166 7.16 2.32 17.39
CA LEU C 166 6.66 3.14 16.32
C LEU C 166 7.81 3.83 15.59
N PRO C 167 7.62 4.08 14.29
CA PRO C 167 8.66 4.79 13.55
C PRO C 167 9.12 6.08 14.21
N ASN C 168 10.40 6.36 14.07
CA ASN C 168 11.03 7.61 14.51
C ASN C 168 10.93 7.86 15.98
N VAL C 169 10.65 6.81 16.74
CA VAL C 169 10.77 6.92 18.18
C VAL C 169 12.21 6.58 18.55
N PRO C 170 12.93 7.55 19.16
CA PRO C 170 14.33 7.33 19.53
C PRO C 170 14.43 6.36 20.68
N HIS C 171 15.46 5.51 20.66
CA HIS C 171 15.55 4.44 21.66
C HIS C 171 16.93 3.87 21.86
N SER C 172 17.07 3.14 22.96
CA SER C 172 18.32 2.59 23.42
C SER C 172 18.07 1.34 24.25
N PHE C 173 18.84 0.30 23.98
CA PHE C 173 18.82 -0.89 24.79
C PHE C 173 20.18 -1.06 25.44
N THR C 174 20.18 -1.30 26.75
CA THR C 174 21.41 -1.54 27.50
C THR C 174 21.19 -2.64 28.48
N ASN C 175 22.27 -3.15 29.04
CA ASN C 175 22.15 -4.14 30.11
C ASN C 175 21.59 -3.52 31.34
N HIS C 176 20.68 -4.23 31.96
CA HIS C 176 20.10 -3.82 33.23
C HIS C 176 21.10 -4.03 34.36
N VAL C 177 21.80 -5.15 34.34
CA VAL C 177 22.66 -5.52 35.44
C VAL C 177 23.99 -4.82 35.40
N GLY C 178 24.70 -4.86 34.28
CA GLY C 178 26.01 -4.21 34.26
C GLY C 178 27.04 -5.29 34.44
N GLY C 179 27.70 -5.61 33.35
CA GLY C 179 28.59 -6.73 33.32
C GLY C 179 27.88 -7.95 32.75
N ALA C 180 26.69 -8.25 33.23
CA ALA C 180 25.89 -9.36 32.65
C ALA C 180 25.47 -8.93 31.26
N LYS C 181 25.97 -9.62 30.23
CA LYS C 181 25.76 -9.18 28.84
C LYS C 181 24.61 -9.91 28.15
N SER C 182 23.61 -9.12 27.76
CA SER C 182 22.36 -9.61 27.22
C SER C 182 22.33 -9.66 25.71
N GLU C 183 21.34 -10.37 25.20
CA GLU C 183 21.16 -10.59 23.78
C GLU C 183 19.71 -10.34 23.43
N ILE C 184 19.51 -9.69 22.30
CA ILE C 184 18.18 -9.45 21.78
C ILE C 184 18.15 -9.72 20.29
N ILE C 185 16.94 -9.83 19.77
CA ILE C 185 16.71 -9.94 18.32
C ILE C 185 15.95 -8.70 17.97
N ALA C 186 16.29 -8.03 16.87
CA ALA C 186 15.53 -6.86 16.43
C ALA C 186 15.14 -6.99 14.97
N ILE C 187 13.86 -6.75 14.69
CA ILE C 187 13.33 -6.86 13.35
C ILE C 187 12.79 -5.52 12.92
N ASN C 188 13.46 -4.90 11.98
CA ASN C 188 12.98 -3.66 11.43
C ASN C 188 12.27 -4.01 10.16
N TYR C 189 11.16 -3.36 9.87
CA TYR C 189 10.40 -3.65 8.66
C TYR C 189 9.43 -2.52 8.34
N GLY C 190 8.75 -2.62 7.21
CA GLY C 190 7.63 -1.72 6.87
C GLY C 190 7.70 -0.30 7.40
N MET D 1 -40.48 -5.53 13.14
CA MET D 1 -39.35 -6.43 13.58
C MET D 1 -38.16 -5.61 14.11
N ASP D 2 -37.24 -6.30 14.79
CA ASP D 2 -36.12 -5.67 15.49
C ASP D 2 -34.97 -6.68 15.64
N VAL D 3 -33.72 -6.20 15.49
CA VAL D 3 -32.49 -6.98 15.73
C VAL D 3 -31.61 -6.36 16.83
N ARG D 4 -31.32 -7.13 17.89
CA ARG D 4 -30.41 -6.67 18.98
C ARG D 4 -28.95 -6.80 18.55
N THR D 5 -28.73 -7.51 17.45
CA THR D 5 -27.43 -8.06 17.15
C THR D 5 -26.72 -7.42 15.94
N LEU D 6 -25.40 -7.49 16.00
CA LEU D 6 -24.50 -7.09 14.92
C LEU D 6 -24.07 -8.35 14.25
N ALA D 7 -24.10 -8.33 12.92
CA ALA D 7 -23.70 -9.49 12.15
C ALA D 7 -22.36 -9.23 11.50
N VAL D 8 -21.52 -10.27 11.45
CA VAL D 8 -20.26 -10.18 10.79
C VAL D 8 -20.07 -11.46 10.01
N GLY D 9 -19.63 -11.32 8.77
CA GLY D 9 -19.39 -12.48 7.93
C GLY D 9 -18.45 -13.46 8.61
N LYS D 10 -18.86 -14.71 8.66
CA LYS D 10 -18.09 -15.73 9.34
C LYS D 10 -16.74 -15.98 8.65
N ALA D 11 -16.78 -16.25 7.34
CA ALA D 11 -15.54 -16.55 6.61
C ALA D 11 -14.50 -15.48 6.86
N HIS D 12 -14.96 -14.23 6.85
CA HIS D 12 -14.11 -13.11 7.07
C HIS D 12 -13.56 -13.07 8.50
N LEU D 13 -14.44 -13.27 9.46
CA LEU D 13 -14.00 -13.26 10.83
C LEU D 13 -13.00 -14.37 11.08
N GLU D 14 -13.29 -15.57 10.60
CA GLU D 14 -12.37 -16.68 10.72
C GLU D 14 -11.01 -16.30 10.18
N ALA D 15 -10.99 -15.63 9.04
CA ALA D 15 -9.73 -15.32 8.37
C ALA D 15 -8.93 -14.33 9.20
N LEU D 16 -9.63 -13.34 9.76
CA LEU D 16 -9.01 -12.43 10.71
C LEU D 16 -8.47 -13.15 11.95
N LEU D 17 -9.25 -14.08 12.48
CA LEU D 17 -8.79 -14.87 13.60
C LEU D 17 -7.51 -15.64 13.29
N ALA D 18 -7.47 -16.29 12.14
CA ALA D 18 -6.28 -17.04 11.74
C ALA D 18 -5.01 -16.18 11.57
N THR D 19 -5.18 -14.89 11.25
CA THR D 19 -4.02 -14.00 11.21
C THR D 19 -3.41 -13.91 12.61
N ARG D 20 -4.24 -14.01 13.64
CA ARG D 20 -3.77 -14.07 15.02
C ARG D 20 -3.62 -15.50 15.58
N LYS D 21 -3.67 -16.48 14.67
CA LYS D 21 -3.62 -17.92 15.01
C LYS D 21 -4.70 -18.33 15.99
N MET D 22 -5.93 -17.95 15.67
CA MET D 22 -7.07 -18.30 16.50
C MET D 22 -8.19 -18.86 15.65
N THR D 23 -9.26 -19.26 16.34
CA THR D 23 -10.47 -19.81 15.74
CA THR D 23 -10.46 -19.77 15.72
C THR D 23 -11.64 -19.30 16.55
N LEU D 24 -12.85 -19.48 16.04
CA LEU D 24 -14.06 -18.99 16.70
C LEU D 24 -14.18 -19.36 18.17
N GLU D 25 -13.76 -20.58 18.48
CA GLU D 25 -13.87 -21.12 19.81
C GLU D 25 -13.16 -20.23 20.84
N HIS D 26 -12.12 -19.51 20.42
CA HIS D 26 -11.42 -18.58 21.31
C HIS D 26 -12.19 -17.30 21.62
N LEU D 27 -13.37 -17.14 21.02
CA LEU D 27 -14.27 -16.04 21.40
C LEU D 27 -15.36 -16.44 22.39
N GLN D 28 -15.26 -15.91 23.61
CA GLN D 28 -16.39 -15.59 24.48
C GLN D 28 -17.60 -16.50 24.44
N ASP D 29 -18.82 -15.93 24.46
CA ASP D 29 -19.96 -16.61 23.87
C ASP D 29 -20.41 -15.71 22.77
N VAL D 30 -20.20 -16.21 21.58
CA VAL D 30 -20.77 -15.60 20.42
C VAL D 30 -21.58 -16.72 19.75
N ARG D 31 -22.74 -16.36 19.26
CA ARG D 31 -23.51 -17.27 18.45
C ARG D 31 -22.97 -17.10 17.05
N HIS D 32 -22.95 -18.19 16.31
CA HIS D 32 -22.71 -18.12 14.89
C HIS D 32 -23.71 -19.00 14.21
N ASP D 33 -23.82 -18.84 12.90
CA ASP D 33 -24.62 -19.75 12.09
C ASP D 33 -23.67 -20.20 10.96
N ALA D 34 -24.21 -20.63 9.83
CA ALA D 34 -23.37 -21.02 8.68
C ALA D 34 -22.62 -19.86 8.02
N THR D 35 -23.24 -18.69 7.91
CA THR D 35 -22.61 -17.53 7.25
C THR D 35 -22.25 -16.36 8.17
N GLN D 36 -22.86 -16.31 9.36
CA GLN D 36 -22.82 -15.12 10.18
C GLN D 36 -22.34 -15.42 11.60
N VAL D 37 -21.67 -14.42 12.19
CA VAL D 37 -21.35 -14.40 13.60
C VAL D 37 -22.06 -13.19 14.18
N TYR D 38 -22.62 -13.33 15.38
CA TYR D 38 -23.47 -12.29 15.95
C TYR D 38 -22.94 -11.72 17.23
N PHE D 39 -23.05 -10.41 17.40
CA PHE D 39 -22.58 -9.73 18.59
C PHE D 39 -23.71 -8.94 19.25
N ASP D 40 -23.52 -8.64 20.54
CA ASP D 40 -24.47 -7.88 21.32
C ASP D 40 -24.09 -6.41 21.13
N GLY D 41 -24.21 -5.94 19.89
CA GLY D 41 -23.99 -4.54 19.62
C GLY D 41 -22.54 -4.16 19.44
N LEU D 42 -22.31 -2.88 19.21
CA LEU D 42 -21.00 -2.35 18.86
C LEU D 42 -19.97 -2.54 19.95
N GLU D 43 -20.37 -2.26 21.19
CA GLU D 43 -19.42 -2.32 22.28
C GLU D 43 -18.81 -3.71 22.39
N HIS D 44 -19.61 -4.74 22.14
CA HIS D 44 -19.11 -6.12 22.18
C HIS D 44 -18.05 -6.29 21.11
N LEU D 45 -18.36 -5.82 19.91
CA LEU D 45 -17.40 -5.90 18.82
C LEU D 45 -16.10 -5.16 19.12
N GLN D 46 -16.19 -3.94 19.67
CA GLN D 46 -14.99 -3.23 20.05
C GLN D 46 -14.08 -4.00 20.98
N ASN D 47 -14.67 -4.68 21.96
CA ASN D 47 -13.87 -5.45 22.91
C ASN D 47 -13.11 -6.56 22.21
N VAL D 48 -13.77 -7.19 21.26
CA VAL D 48 -13.15 -8.25 20.50
C VAL D 48 -12.05 -7.69 19.62
N ALA D 49 -12.29 -6.53 19.02
CA ALA D 49 -11.23 -5.85 18.29
C ALA D 49 -10.01 -5.57 19.17
N GLN D 50 -10.25 -5.12 20.41
CA GLN D 50 -9.17 -4.88 21.37
C GLN D 50 -8.41 -6.17 21.65
N TYR D 51 -9.15 -7.26 21.81
CA TYR D 51 -8.57 -8.55 22.14
C TYR D 51 -7.68 -9.06 21.02
N LEU D 52 -8.15 -8.91 19.79
CA LEU D 52 -7.38 -9.30 18.62
C LEU D 52 -6.37 -8.24 18.21
N ALA D 53 -6.46 -7.05 18.78
CA ALA D 53 -5.56 -5.96 18.46
C ALA D 53 -5.66 -5.64 16.97
N ILE D 54 -6.89 -5.36 16.53
CA ILE D 54 -7.20 -5.06 15.14
C ILE D 54 -8.18 -3.95 15.11
N PRO D 55 -7.99 -2.98 14.22
CA PRO D 55 -8.97 -1.90 14.27
C PRO D 55 -10.35 -2.40 13.91
N LEU D 56 -11.36 -1.81 14.53
CA LEU D 56 -12.74 -2.12 14.23
C LEU D 56 -12.99 -2.11 12.76
N SER D 57 -12.41 -1.16 12.03
CA SER D 57 -12.66 -1.06 10.60
C SER D 57 -12.50 -2.39 9.94
N GLU D 58 -11.47 -3.14 10.33
CA GLU D 58 -11.21 -4.41 9.65
C GLU D 58 -12.37 -5.37 9.59
N PHE D 59 -13.24 -5.33 10.58
CA PHE D 59 -14.31 -6.30 10.67
C PHE D 59 -15.40 -6.11 9.65
N PHE D 60 -15.39 -4.97 8.97
CA PHE D 60 -16.35 -4.70 7.90
C PHE D 60 -15.73 -4.66 6.52
N VAL D 61 -14.40 -4.73 6.41
CA VAL D 61 -13.82 -4.60 5.10
C VAL D 61 -14.39 -5.72 4.24
N GLY D 62 -14.95 -5.34 3.09
CA GLY D 62 -15.54 -6.32 2.17
C GLY D 62 -17.00 -6.60 2.42
N GLN D 63 -17.51 -6.24 3.59
CA GLN D 63 -18.84 -6.68 4.00
C GLN D 63 -19.98 -5.83 3.45
N THR D 64 -19.69 -4.70 2.81
CA THR D 64 -20.72 -4.00 2.10
C THR D 64 -20.76 -4.55 0.70
N GLN D 65 -21.96 -4.71 0.21
CA GLN D 65 -22.14 -5.37 -1.06
C GLN D 65 -21.88 -4.39 -2.20
N SER D 66 -21.07 -4.84 -3.16
CA SER D 66 -20.66 -4.01 -4.27
C SER D 66 -21.86 -3.38 -4.97
N ASP D 67 -21.74 -2.09 -5.29
CA ASP D 67 -22.77 -1.35 -6.00
C ASP D 67 -22.61 -1.48 -7.49
N LEU D 68 -21.63 -2.28 -7.93
CA LEU D 68 -21.43 -2.47 -9.34
C LEU D 68 -22.46 -3.42 -9.89
N ASP D 69 -22.57 -3.41 -11.21
CA ASP D 69 -23.39 -4.29 -11.95
C ASP D 69 -22.49 -4.89 -13.04
N ASP D 70 -22.06 -6.15 -12.84
CA ASP D 70 -21.17 -6.83 -13.80
C ASP D 70 -19.81 -6.12 -13.96
N GLY D 71 -19.24 -5.64 -12.86
CA GLY D 71 -17.88 -5.08 -12.87
C GLY D 71 -17.79 -3.61 -13.24
N VAL D 72 -18.94 -2.94 -13.27
CA VAL D 72 -19.05 -1.62 -13.84
C VAL D 72 -20.16 -0.84 -13.14
N LYS D 73 -20.06 0.49 -13.10
CA LYS D 73 -21.19 1.31 -12.66
C LYS D 73 -21.38 2.55 -13.52
N ILE D 74 -22.64 2.91 -13.74
CA ILE D 74 -23.00 3.96 -14.66
C ILE D 74 -23.81 5.01 -13.95
N ALA D 75 -23.51 6.26 -14.23
CA ALA D 75 -24.31 7.40 -13.76
C ALA D 75 -24.76 8.20 -14.98
N ARG D 76 -25.78 9.02 -14.77
CA ARG D 76 -26.36 9.83 -15.86
C ARG D 76 -26.24 11.31 -15.55
N ARG D 77 -26.16 12.14 -16.58
CA ARG D 77 -26.22 13.56 -16.35
C ARG D 77 -27.50 13.90 -15.57
N ASN D 78 -27.31 14.63 -14.46
CA ASN D 78 -28.36 15.02 -13.47
C ASN D 78 -28.90 13.92 -12.60
N GLY D 79 -28.38 12.71 -12.74
CA GLY D 79 -28.98 11.56 -12.09
C GLY D 79 -28.66 11.48 -10.62
N GLY D 80 -27.58 12.13 -10.20
CA GLY D 80 -27.11 11.98 -8.83
C GLY D 80 -27.22 13.25 -8.03
N PHE D 81 -26.37 13.36 -7.03
CA PHE D 81 -26.37 14.54 -6.20
C PHE D 81 -25.93 15.77 -7.00
N LYS D 82 -26.47 16.93 -6.63
CA LYS D 82 -26.27 18.18 -7.36
C LYS D 82 -26.57 19.34 -6.41
N ARG D 83 -25.84 20.44 -6.53
CA ARG D 83 -25.91 21.46 -5.50
C ARG D 83 -25.21 22.75 -5.93
N GLU D 84 -25.71 23.88 -5.42
CA GLU D 84 -25.03 25.19 -5.60
C GLU D 84 -24.08 25.49 -4.45
N GLU D 85 -23.03 26.24 -4.73
CA GLU D 85 -22.02 26.57 -3.73
C GLU D 85 -21.86 28.10 -3.66
N TYR D 93 -19.80 28.08 -7.75
CA TYR D 93 -19.81 26.81 -8.45
C TYR D 93 -21.22 26.22 -8.45
N THR D 94 -21.50 25.35 -9.42
CA THR D 94 -22.54 24.33 -9.33
C THR D 94 -21.88 22.94 -9.32
N TYR D 95 -21.87 22.23 -8.19
CA TYR D 95 -21.28 20.89 -8.12
C TYR D 95 -22.28 19.86 -8.63
N GLU D 96 -21.86 18.96 -9.51
CA GLU D 96 -22.65 17.76 -9.84
C GLU D 96 -21.79 16.50 -9.68
N HIS D 97 -22.26 15.54 -8.92
CA HIS D 97 -21.58 14.24 -8.82
C HIS D 97 -21.61 13.55 -10.15
N LEU D 98 -20.48 12.96 -10.53
CA LEU D 98 -20.51 11.94 -11.57
C LEU D 98 -20.58 10.59 -10.87
N VAL D 99 -20.32 9.50 -11.59
CA VAL D 99 -20.43 8.20 -11.01
C VAL D 99 -19.64 8.15 -9.72
N THR D 100 -20.22 7.57 -8.69
CA THR D 100 -19.55 7.35 -7.42
C THR D 100 -19.76 5.88 -7.08
N THR D 101 -18.79 5.24 -6.43
CA THR D 101 -18.91 3.80 -6.08
C THR D 101 -18.23 3.42 -4.76
N ASN D 102 -18.91 2.54 -4.01
CA ASN D 102 -18.35 1.96 -2.79
C ASN D 102 -17.15 1.05 -3.01
N GLN D 103 -16.82 0.79 -4.26
CA GLN D 103 -15.61 0.05 -4.59
C GLN D 103 -14.37 0.91 -4.69
N ASP D 104 -14.54 2.23 -4.57
CA ASP D 104 -13.42 3.16 -4.37
C ASP D 104 -13.92 4.45 -3.74
N PRO D 105 -14.14 4.41 -2.43
CA PRO D 105 -14.64 5.61 -1.75
C PRO D 105 -13.70 6.80 -1.87
N GLY D 106 -12.42 6.56 -2.18
CA GLY D 106 -11.43 7.63 -2.31
C GLY D 106 -11.56 8.43 -3.59
N LEU D 107 -12.48 8.02 -4.46
CA LEU D 107 -12.69 8.64 -5.76
C LEU D 107 -13.87 9.59 -5.74
N MET D 108 -13.64 10.87 -6.03
CA MET D 108 -14.74 11.85 -6.15
C MET D 108 -14.68 12.57 -7.50
N ALA D 109 -15.56 12.17 -8.41
CA ALA D 109 -15.61 12.73 -9.73
C ALA D 109 -16.76 13.75 -9.88
N LEU D 110 -16.40 14.95 -10.31
CA LEU D 110 -17.34 16.06 -10.38
C LEU D 110 -17.40 16.74 -11.74
N ARG D 111 -18.56 17.35 -12.01
CA ARG D 111 -18.71 18.27 -13.11
C ARG D 111 -19.06 19.59 -12.44
N LEU D 112 -18.50 20.70 -12.93
CA LEU D 112 -18.77 22.00 -12.34
C LEU D 112 -19.11 23.05 -13.36
N ASP D 113 -20.09 23.91 -13.05
CA ASP D 113 -20.27 25.18 -13.76
C ASP D 113 -19.59 26.25 -12.92
N LEU D 114 -18.90 27.18 -13.55
CA LEU D 114 -18.27 28.25 -12.81
C LEU D 114 -19.15 29.49 -12.91
N HIS D 115 -19.36 30.17 -11.80
CA HIS D 115 -20.20 31.36 -11.80
C HIS D 115 -19.37 32.63 -11.56
N SER D 116 -18.23 32.48 -10.88
CA SER D 116 -17.04 33.39 -10.91
C SER D 116 -17.24 34.77 -10.32
N ASP D 117 -16.62 35.74 -11.00
CA ASP D 117 -16.51 37.13 -10.60
C ASP D 117 -16.78 38.05 -11.81
N LEU D 122 -11.75 36.44 -4.47
CA LEU D 122 -11.00 35.20 -4.38
C LEU D 122 -11.43 34.35 -3.18
N ARG D 123 -11.77 33.08 -3.42
CA ARG D 123 -12.15 32.16 -2.34
C ARG D 123 -11.44 30.82 -2.48
N LEU D 124 -10.16 30.78 -2.09
CA LEU D 124 -9.39 29.54 -2.13
C LEU D 124 -9.99 28.54 -1.18
N ASN D 125 -9.79 27.25 -1.47
CA ASN D 125 -10.03 26.20 -0.49
C ASN D 125 -8.76 26.01 0.33
N GLY D 126 -8.72 25.00 1.21
CA GLY D 126 -7.52 24.72 2.00
C GLY D 126 -6.66 23.57 1.48
N GLY D 127 -6.83 23.20 0.20
CA GLY D 127 -6.22 21.99 -0.36
C GLY D 127 -6.91 20.77 0.20
N HIS D 128 -6.54 19.57 -0.23
CA HIS D 128 -7.11 18.33 0.33
C HIS D 128 -6.21 17.12 0.08
N GLY D 129 -6.45 16.04 0.84
CA GLY D 129 -5.61 14.83 0.80
C GLY D 129 -5.56 14.14 -0.55
N SER D 130 -6.64 14.26 -1.31
CA SER D 130 -6.70 13.70 -2.64
C SER D 130 -5.78 14.40 -3.62
N ARG D 131 -5.23 13.63 -4.54
CA ARG D 131 -4.68 14.17 -5.79
C ARG D 131 -5.87 14.58 -6.64
N GLU D 132 -5.66 15.46 -7.60
CA GLU D 132 -6.75 15.98 -8.36
C GLU D 132 -6.28 16.28 -9.76
N ILE D 133 -7.08 15.86 -10.72
CA ILE D 133 -6.90 16.27 -12.08
C ILE D 133 -8.19 16.93 -12.59
N VAL D 134 -8.01 18.01 -13.34
CA VAL D 134 -9.10 18.79 -13.87
C VAL D 134 -8.93 18.95 -15.39
N TYR D 135 -10.02 18.82 -16.12
CA TYR D 135 -10.06 18.98 -17.55
C TYR D 135 -11.11 20.03 -17.91
N VAL D 136 -10.82 20.91 -18.85
CA VAL D 136 -11.78 21.96 -19.20
C VAL D 136 -12.58 21.49 -20.37
N THR D 137 -13.87 21.33 -20.18
CA THR D 137 -14.76 20.94 -21.26
C THR D 137 -15.29 22.13 -22.05
N ARG D 138 -15.42 23.28 -21.41
CA ARG D 138 -15.98 24.44 -22.12
C ARG D 138 -15.53 25.77 -21.55
N GLY D 139 -15.13 26.67 -22.45
CA GLY D 139 -14.84 28.04 -22.06
C GLY D 139 -13.40 28.24 -21.63
N ALA D 140 -13.18 29.27 -20.85
CA ALA D 140 -11.83 29.65 -20.45
C ALA D 140 -11.80 29.85 -18.94
N VAL D 141 -10.84 29.18 -18.29
CA VAL D 141 -10.83 29.07 -16.84
C VAL D 141 -9.60 29.69 -16.22
N ARG D 142 -9.86 30.52 -15.23
CA ARG D 142 -8.84 31.14 -14.45
C ARG D 142 -8.57 30.22 -13.29
N VAL D 143 -7.32 29.81 -13.13
CA VAL D 143 -6.94 28.97 -12.02
C VAL D 143 -5.89 29.68 -11.18
N ARG D 144 -6.13 29.74 -9.89
CA ARG D 144 -5.17 30.34 -8.97
C ARG D 144 -4.83 29.31 -7.91
N TRP D 145 -3.59 29.33 -7.42
CA TRP D 145 -3.16 28.41 -6.38
C TRP D 145 -1.93 28.90 -5.60
N VAL D 146 -1.76 28.38 -4.39
CA VAL D 146 -0.64 28.76 -3.53
C VAL D 146 0.54 27.84 -3.79
N GLY D 147 1.58 28.40 -4.37
CA GLY D 147 2.77 27.65 -4.72
C GLY D 147 3.78 27.52 -3.58
N ASP D 148 5.06 27.52 -3.97
CA ASP D 148 6.16 27.40 -3.02
C ASP D 148 6.29 28.70 -2.25
N ASN D 149 6.73 28.61 -1.01
CA ASN D 149 6.90 29.78 -0.14
C ASN D 149 5.62 30.59 0.00
N ASP D 150 4.48 29.90 -0.09
CA ASP D 150 3.16 30.51 0.05
C ASP D 150 2.86 31.65 -0.94
N GLU D 151 3.50 31.64 -2.10
CA GLU D 151 3.25 32.68 -3.12
C GLU D 151 2.09 32.30 -4.00
N LEU D 152 1.18 33.25 -4.21
CA LEU D 152 0.04 33.04 -5.06
C LEU D 152 0.47 32.99 -6.53
N LYS D 153 0.00 31.99 -7.26
CA LYS D 153 0.27 31.84 -8.68
C LYS D 153 -1.06 31.76 -9.44
N GLU D 154 -0.98 31.96 -10.74
CA GLU D 154 -2.18 31.92 -11.57
C GLU D 154 -1.84 31.55 -13.01
N ASP D 155 -2.83 31.05 -13.72
CA ASP D 155 -2.71 30.75 -15.14
C ASP D 155 -4.12 30.59 -15.71
N VAL D 156 -4.22 30.39 -17.01
CA VAL D 156 -5.51 30.28 -17.67
C VAL D 156 -5.56 28.98 -18.42
N LEU D 157 -6.67 28.28 -18.29
CA LEU D 157 -6.89 27.02 -18.99
C LEU D 157 -8.01 27.14 -19.99
N ASN D 158 -7.80 26.63 -21.17
CA ASN D 158 -8.80 26.70 -22.20
C ASN D 158 -9.37 25.36 -22.49
N GLU D 159 -10.49 25.37 -23.18
CA GLU D 159 -11.13 24.15 -23.56
C GLU D 159 -10.07 23.13 -23.99
N GLY D 160 -10.00 22.01 -23.28
CA GLY D 160 -9.12 20.90 -23.66
C GLY D 160 -7.82 20.85 -22.88
N ASP D 161 -7.54 21.90 -22.15
CA ASP D 161 -6.34 21.97 -21.32
C ASP D 161 -6.61 21.19 -20.04
N SER D 162 -5.58 20.86 -19.30
CA SER D 162 -5.74 20.09 -18.08
C SER D 162 -4.70 20.47 -17.05
N ILE D 163 -4.96 20.08 -15.81
CA ILE D 163 -4.05 20.38 -14.72
C ILE D 163 -4.06 19.32 -13.63
N PHE D 164 -2.88 19.00 -13.10
CA PHE D 164 -2.75 18.06 -12.00
C PHE D 164 -2.40 18.85 -10.76
N ILE D 165 -2.96 18.45 -9.62
CA ILE D 165 -2.74 19.19 -8.40
C ILE D 165 -2.36 18.26 -7.27
N LEU D 166 -1.18 18.49 -6.74
CA LEU D 166 -0.65 17.74 -5.63
C LEU D 166 -1.55 17.90 -4.40
N PRO D 167 -1.60 16.87 -3.53
CA PRO D 167 -2.36 16.96 -2.29
C PRO D 167 -2.05 18.21 -1.48
N ASN D 168 -3.09 18.73 -0.87
CA ASN D 168 -3.00 19.89 0.03
C ASN D 168 -2.44 21.16 -0.59
N VAL D 169 -2.48 21.24 -1.91
CA VAL D 169 -2.23 22.51 -2.57
C VAL D 169 -3.55 23.27 -2.68
N PRO D 170 -3.62 24.47 -2.09
CA PRO D 170 -4.88 25.23 -2.09
C PRO D 170 -5.12 25.82 -3.47
N HIS D 171 -6.38 25.86 -3.89
CA HIS D 171 -6.68 26.26 -5.27
C HIS D 171 -8.10 26.74 -5.50
N SER D 172 -8.29 27.39 -6.65
CA SER D 172 -9.54 28.03 -7.05
C SER D 172 -9.67 28.08 -8.56
N PHE D 173 -10.87 27.78 -9.06
CA PHE D 173 -11.14 27.95 -10.47
C PHE D 173 -12.25 28.96 -10.64
N THR D 174 -12.04 29.91 -11.55
CA THR D 174 -13.06 30.90 -11.85
C THR D 174 -13.11 31.14 -13.36
N ASN D 175 -14.16 31.82 -13.85
CA ASN D 175 -14.19 32.23 -15.24
C ASN D 175 -13.15 33.28 -15.51
N HIS D 176 -12.49 33.13 -16.64
CA HIS D 176 -11.51 34.10 -17.09
C HIS D 176 -12.21 35.33 -17.61
N VAL D 177 -13.28 35.12 -18.38
CA VAL D 177 -13.92 36.22 -19.10
C VAL D 177 -14.83 37.02 -18.18
N GLY D 178 -15.74 36.37 -17.47
CA GLY D 178 -16.66 37.14 -16.65
C GLY D 178 -17.95 37.24 -17.43
N GLY D 179 -18.94 36.49 -17.00
CA GLY D 179 -20.19 36.40 -17.73
C GLY D 179 -20.18 35.16 -18.60
N ALA D 180 -19.11 34.96 -19.37
CA ALA D 180 -18.97 33.71 -20.11
C ALA D 180 -18.76 32.59 -19.10
N LYS D 181 -19.70 31.66 -19.03
CA LYS D 181 -19.66 30.63 -17.99
C LYS D 181 -19.08 29.30 -18.48
N SER D 182 -18.00 28.89 -17.82
CA SER D 182 -17.23 27.72 -18.18
C SER D 182 -17.62 26.46 -17.41
N GLU D 183 -17.14 25.34 -17.93
CA GLU D 183 -17.41 24.02 -17.36
C GLU D 183 -16.11 23.25 -17.28
N ILE D 184 -15.93 22.54 -16.17
CA ILE D 184 -14.77 21.68 -15.99
C ILE D 184 -15.19 20.35 -15.39
N ILE D 185 -14.29 19.37 -15.49
CA ILE D 185 -14.46 18.07 -14.85
C ILE D 185 -13.35 17.99 -13.82
N ALA D 186 -13.65 17.56 -12.60
CA ALA D 186 -12.60 17.40 -11.58
C ALA D 186 -12.64 16.02 -10.96
N ILE D 187 -11.48 15.36 -10.92
CA ILE D 187 -11.40 13.99 -10.41
C ILE D 187 -10.46 13.97 -9.25
N ASN D 188 -11.00 13.76 -8.08
CA ASN D 188 -10.18 13.60 -6.90
C ASN D 188 -10.01 12.13 -6.66
N TYR D 189 -8.82 11.69 -6.29
CA TYR D 189 -8.58 10.26 -6.05
C TYR D 189 -7.33 10.04 -5.20
N GLY D 190 -7.09 8.78 -4.84
CA GLY D 190 -5.86 8.34 -4.18
C GLY D 190 -5.33 9.20 -3.05
FE FE E . 4.36 -19.53 8.78
P1 S0H F . 2.68 -21.35 10.65
C2 S0H F . 4.09 -21.21 11.77
C3 S0H F . 5.36 -21.53 11.01
O6 S0H F . 5.56 -20.59 9.94
C1 S0H F . 6.52 -21.45 12.01
O13 S0H F . 2.72 -20.31 9.56
O14 S0H F . 2.68 -22.85 10.07
O15 S0H F . 1.38 -21.07 11.53
FE FE G . -9.62 1.35 -21.07
FE FE H . 16.24 0.33 16.10
P1 S0H I . 19.44 0.83 16.76
C2 S0H I . 19.24 -0.86 17.36
C3 S0H I . 18.07 -0.99 18.30
O6 S0H I . 16.89 -0.33 17.79
C1 S0H I . 17.75 -2.48 18.49
O13 S0H I . 19.77 1.80 18.04
O14 S0H I . 20.54 0.79 15.60
O15 S0H I . 18.18 1.29 16.14
FE FE J . -11.30 20.84 -5.56
#